data_7L0O
#
_entry.id   7L0O
#
_cell.length_a   100.049
_cell.length_b   109.140
_cell.length_c   204.519
_cell.angle_alpha   90.000
_cell.angle_beta   90.000
_cell.angle_gamma   90.000
#
_symmetry.space_group_name_H-M   'P 21 21 21'
#
loop_
_entity.id
_entity.type
_entity.pdbx_description
1 polymer 'Agglutinin receptor'
2 non-polymer 'CALCIUM ION'
3 water water
#
_entity_poly.entity_id   1
_entity_poly.type   'polypeptide(L)'
_entity_poly.pdbx_seq_one_letter_code
;MAHFHYSSLLAQPQINKEIKNEDGVDIDRTLVAKQSIVKFELKTEALTAGRPKTTSFVLVDPLPTGYKFDLDATKAASTG
FDTTYDEASHTVTFKATDETLATYNADLTKPVETLHPTVVGRVLNDGATYTNNFTLTVNDAYGIKSNVVRVTTPGKPNDP
DNPNNNYIKPTKVNKNKEGLNIDGKEVLAGSTNYYELTWDLDQYKGDKSSKEAIQNGFYYVDDYPEEALDVRPDLVKVAD
EKGNQVSGVSVQQYDSLEAAPKKVQDLLKKANITVKGAFQLFSADNPEEFYKQYVATGTSLVITDPMTVKSEFGKTGGKY
ENKAYQIDFGNGYATEVVVNNVPKITPKKDVTVSLDPTSENLDGQTVQLYQTFNYRLIGGLIPQNHSEELEDYSFVDDYD
QAGDQYTGNYKTFSSLNLTMKDGSVIKAGTDLTSQTTAETDATNGIVTVRFKEDFLQKISLDSPFQAETYLQMRRIAIGT
FENTYVNTVNKVAYASAAALEHHHHHH
;
_entity_poly.pdbx_strand_id   A,B
#
loop_
_chem_comp.id
_chem_comp.type
_chem_comp.name
_chem_comp.formula
CA non-polymer 'CALCIUM ION' 'Ca 2'
#
# COMPACT_ATOMS: atom_id res chain seq x y z
N HIS A 5 7.05 52.65 -68.35
CA HIS A 5 6.29 51.60 -69.01
C HIS A 5 6.44 50.25 -68.31
N TYR A 6 7.64 49.96 -67.81
CA TYR A 6 7.90 48.66 -67.16
C TYR A 6 7.47 48.60 -65.70
N SER A 7 7.39 49.74 -65.03
CA SER A 7 6.91 49.75 -63.65
C SER A 7 5.43 49.38 -63.55
N SER A 8 4.72 49.34 -64.67
CA SER A 8 3.33 48.90 -64.70
C SER A 8 3.16 47.63 -65.53
N LEU A 9 4.20 46.78 -65.56
CA LEU A 9 4.14 45.56 -66.35
C LEU A 9 3.39 44.47 -65.59
N LEU A 10 3.80 44.24 -64.35
CA LEU A 10 3.10 43.28 -63.54
C LEU A 10 1.95 44.04 -62.95
N ALA A 11 0.86 43.36 -62.67
CA ALA A 11 -0.33 44.04 -62.20
C ALA A 11 -0.39 44.68 -60.83
N GLN A 12 -1.50 44.54 -60.14
CA GLN A 12 -1.68 45.26 -58.87
C GLN A 12 -0.62 45.13 -57.75
N PRO A 13 -0.48 43.95 -57.04
CA PRO A 13 0.61 43.96 -56.06
C PRO A 13 1.94 43.56 -56.70
N GLN A 14 1.90 43.15 -57.98
CA GLN A 14 3.10 42.69 -58.75
C GLN A 14 3.63 41.34 -58.30
N ILE A 15 4.46 41.31 -57.27
CA ILE A 15 4.96 40.08 -56.69
C ILE A 15 4.68 40.06 -55.20
N ASN A 16 4.71 38.86 -54.63
CA ASN A 16 4.38 38.66 -53.22
C ASN A 16 4.96 37.33 -52.78
N LYS A 17 5.91 37.35 -51.85
CA LYS A 17 6.43 36.10 -51.31
C LYS A 17 5.56 35.62 -50.17
N GLU A 18 5.18 34.34 -50.20
CA GLU A 18 4.36 33.72 -49.17
C GLU A 18 5.09 32.51 -48.60
N ILE A 19 4.88 32.26 -47.31
CA ILE A 19 5.53 31.15 -46.62
C ILE A 19 4.45 30.33 -45.93
N LYS A 20 4.46 29.02 -46.16
CA LYS A 20 3.38 28.15 -45.69
C LYS A 20 3.96 26.84 -45.18
N ASN A 21 3.14 26.11 -44.42
CA ASN A 21 3.47 24.75 -43.99
C ASN A 21 2.78 23.76 -44.93
N GLU A 22 2.82 22.47 -44.60
CA GLU A 22 2.36 21.51 -45.59
C GLU A 22 0.84 21.37 -45.62
N ASP A 23 0.10 22.18 -44.86
CA ASP A 23 -1.33 22.30 -45.02
C ASP A 23 -1.75 23.57 -45.73
N GLY A 24 -0.80 24.38 -46.19
CA GLY A 24 -1.14 25.61 -46.88
C GLY A 24 -1.57 26.75 -45.98
N VAL A 25 -1.05 26.82 -44.76
CA VAL A 25 -1.41 27.85 -43.80
C VAL A 25 -0.31 28.90 -43.78
N ASP A 26 -0.70 30.17 -43.85
CA ASP A 26 0.27 31.25 -43.75
C ASP A 26 0.94 31.23 -42.39
N ILE A 27 2.26 31.07 -42.37
CA ILE A 27 3.02 31.00 -41.13
C ILE A 27 4.04 32.12 -41.02
N ASP A 28 3.85 33.21 -41.78
CA ASP A 28 4.77 34.33 -41.71
C ASP A 28 4.72 34.97 -40.33
N ARG A 29 5.90 35.26 -39.78
CA ARG A 29 6.05 35.89 -38.47
C ARG A 29 5.40 35.09 -37.37
N THR A 30 5.36 33.77 -37.51
CA THR A 30 4.83 32.91 -36.44
C THR A 30 5.88 31.88 -36.06
N LEU A 31 5.42 30.76 -35.50
CA LEU A 31 6.30 29.76 -34.92
C LEU A 31 5.91 28.38 -35.44
N VAL A 32 6.93 27.58 -35.78
CA VAL A 32 6.72 26.26 -36.35
C VAL A 32 7.75 25.31 -35.74
N ALA A 33 7.38 24.04 -35.66
CA ALA A 33 8.25 23.08 -34.99
C ALA A 33 9.47 22.77 -35.86
N LYS A 34 10.55 22.33 -35.20
CA LYS A 34 11.74 21.90 -35.94
C LYS A 34 11.40 20.71 -36.82
N GLN A 35 12.11 20.62 -37.95
CA GLN A 35 11.92 19.61 -38.99
C GLN A 35 10.61 19.79 -39.75
N SER A 36 9.91 20.90 -39.55
CA SER A 36 8.68 21.14 -40.28
C SER A 36 8.99 21.46 -41.74
N ILE A 37 8.18 20.88 -42.63
CA ILE A 37 8.24 21.28 -44.03
C ILE A 37 7.75 22.71 -44.15
N VAL A 38 8.54 23.56 -44.79
CA VAL A 38 8.19 24.96 -45.00
C VAL A 38 8.28 25.27 -46.48
N LYS A 39 7.20 25.81 -47.04
CA LYS A 39 7.12 26.13 -48.45
C LYS A 39 7.30 27.64 -48.63
N PHE A 40 8.28 28.03 -49.43
CA PHE A 40 8.37 29.41 -49.90
C PHE A 40 7.67 29.48 -51.25
N GLU A 41 6.65 30.32 -51.34
CA GLU A 41 5.84 30.43 -52.55
C GLU A 41 6.03 31.81 -53.16
N LEU A 42 6.59 31.85 -54.36
CA LEU A 42 6.99 33.10 -55.03
C LEU A 42 5.91 33.47 -56.03
N LYS A 43 4.83 34.08 -55.52
CA LYS A 43 3.69 34.41 -56.36
C LYS A 43 3.96 35.66 -57.19
N THR A 44 3.54 35.62 -58.46
CA THR A 44 3.69 36.74 -59.38
C THR A 44 2.33 37.01 -60.02
N GLU A 45 1.94 38.28 -60.08
CA GLU A 45 0.61 38.64 -60.58
C GLU A 45 0.59 38.70 -62.10
N ALA A 46 -0.63 38.66 -62.64
CA ALA A 46 -0.88 38.70 -64.08
C ALA A 46 -0.10 39.81 -64.78
N LEU A 47 0.24 39.57 -66.04
CA LEU A 47 0.93 40.56 -66.86
C LEU A 47 -0.12 41.48 -67.48
N THR A 48 0.03 42.80 -67.26
CA THR A 48 -0.79 43.81 -67.91
C THR A 48 -0.81 43.68 -69.43
N ALA A 49 -1.87 44.19 -70.05
CA ALA A 49 -1.96 44.20 -71.50
C ALA A 49 -1.06 45.28 -72.09
N GLY A 50 -0.85 45.21 -73.40
CA GLY A 50 -0.01 46.16 -74.10
C GLY A 50 1.43 46.14 -73.65
N ARG A 51 2.00 44.94 -73.57
CA ARG A 51 3.35 44.68 -73.09
C ARG A 51 4.27 44.38 -74.24
N PRO A 52 5.58 44.31 -74.01
CA PRO A 52 6.49 43.73 -75.00
C PRO A 52 6.51 42.21 -74.90
N LYS A 53 7.07 41.59 -75.94
CA LYS A 53 7.22 40.15 -75.94
C LYS A 53 8.24 39.74 -74.88
N THR A 54 7.96 38.64 -74.19
CA THR A 54 8.71 38.27 -72.99
C THR A 54 9.84 37.32 -73.37
N THR A 55 11.07 37.83 -73.36
CA THR A 55 12.28 37.01 -73.53
C THR A 55 12.55 36.12 -72.32
N SER A 56 12.85 36.73 -71.18
CA SER A 56 13.19 36.00 -69.98
C SER A 56 12.22 36.30 -68.85
N PHE A 57 12.07 35.33 -67.95
CA PHE A 57 11.22 35.44 -66.76
C PHE A 57 11.91 34.61 -65.67
N VAL A 58 12.74 35.27 -64.87
CA VAL A 58 13.68 34.58 -63.99
C VAL A 58 13.45 35.02 -62.55
N LEU A 59 13.27 34.04 -61.66
CA LEU A 59 13.16 34.25 -60.23
C LEU A 59 14.36 33.62 -59.55
N VAL A 60 15.06 34.39 -58.72
CA VAL A 60 16.23 33.93 -57.99
C VAL A 60 15.99 34.14 -56.50
N ASP A 61 16.03 33.05 -55.73
CA ASP A 61 15.71 33.06 -54.30
C ASP A 61 16.92 32.55 -53.51
N PRO A 62 17.69 33.43 -52.87
CA PRO A 62 18.71 32.96 -51.92
C PRO A 62 18.06 32.47 -50.63
N LEU A 63 18.23 31.18 -50.36
CA LEU A 63 17.55 30.52 -49.26
C LEU A 63 18.32 30.72 -47.94
N PRO A 64 17.62 30.71 -46.82
CA PRO A 64 18.27 30.92 -45.53
C PRO A 64 19.04 29.70 -45.05
N THR A 65 20.03 29.96 -44.21
CA THR A 65 20.77 28.88 -43.56
C THR A 65 19.89 28.15 -42.56
N GLY A 66 20.09 26.83 -42.47
CA GLY A 66 19.26 25.99 -41.63
C GLY A 66 18.04 25.41 -42.32
N TYR A 67 17.79 25.80 -43.57
CA TYR A 67 16.66 25.35 -44.35
C TYR A 67 17.18 24.37 -45.39
N LYS A 68 16.84 23.10 -45.26
CA LYS A 68 17.36 22.06 -46.15
C LYS A 68 16.45 22.00 -47.37
N PHE A 69 17.00 22.39 -48.52
CA PHE A 69 16.26 22.50 -49.77
C PHE A 69 16.03 21.11 -50.35
N ASP A 70 14.79 20.83 -50.76
CA ASP A 70 14.43 19.53 -51.34
C ASP A 70 14.20 19.73 -52.83
N LEU A 71 15.08 19.13 -53.64
CA LEU A 71 15.08 19.44 -55.07
C LEU A 71 13.85 18.87 -55.77
N ASP A 72 13.53 17.61 -55.52
CA ASP A 72 12.44 16.99 -56.28
C ASP A 72 11.07 17.43 -55.80
N ALA A 73 10.95 17.86 -54.54
CA ALA A 73 9.68 18.42 -54.08
C ALA A 73 9.43 19.80 -54.66
N THR A 74 10.47 20.62 -54.78
CA THR A 74 10.29 21.96 -55.35
C THR A 74 10.09 21.91 -56.86
N LYS A 75 10.71 20.95 -57.55
CA LYS A 75 10.51 20.83 -58.99
C LYS A 75 9.06 20.45 -59.30
N ALA A 76 8.52 19.47 -58.56
CA ALA A 76 7.16 19.02 -58.82
C ALA A 76 6.13 20.13 -58.58
N ALA A 77 6.41 21.03 -57.64
CA ALA A 77 5.53 22.15 -57.36
C ALA A 77 5.81 23.36 -58.25
N SER A 78 6.80 23.27 -59.14
CA SER A 78 7.12 24.38 -60.03
C SER A 78 7.05 23.97 -61.49
N THR A 79 5.91 23.48 -61.93
CA THR A 79 5.69 23.19 -63.34
C THR A 79 5.71 24.48 -64.15
N GLY A 80 6.20 24.40 -65.38
CA GLY A 80 6.38 25.57 -66.20
C GLY A 80 7.67 26.32 -65.96
N PHE A 81 8.51 25.84 -65.07
CA PHE A 81 9.83 26.41 -64.84
C PHE A 81 10.86 25.29 -64.92
N ASP A 82 12.12 25.69 -65.05
CA ASP A 82 13.25 24.77 -64.94
C ASP A 82 14.10 25.20 -63.76
N THR A 83 14.35 24.28 -62.84
CA THR A 83 14.87 24.57 -61.50
C THR A 83 16.36 24.26 -61.45
N THR A 84 17.16 25.27 -61.12
CA THR A 84 18.59 25.08 -60.88
C THR A 84 18.92 25.51 -59.46
N TYR A 85 19.82 24.78 -58.81
CA TYR A 85 20.17 25.01 -57.42
C TYR A 85 21.67 25.14 -57.28
N ASP A 86 22.13 26.29 -56.76
CA ASP A 86 23.53 26.51 -56.43
C ASP A 86 23.74 26.15 -54.96
N GLU A 87 24.41 25.02 -54.73
CA GLU A 87 24.59 24.53 -53.36
C GLU A 87 25.54 25.39 -52.55
N ALA A 88 26.50 26.04 -53.20
CA ALA A 88 27.51 26.80 -52.49
C ALA A 88 26.97 28.10 -51.92
N SER A 89 25.91 28.65 -52.51
CA SER A 89 25.35 29.92 -52.04
C SER A 89 23.92 29.79 -51.54
N HIS A 90 23.41 28.56 -51.42
CA HIS A 90 22.04 28.30 -50.94
C HIS A 90 21.01 29.09 -51.74
N THR A 91 21.25 29.21 -53.05
CA THR A 91 20.39 29.98 -53.93
C THR A 91 19.75 29.07 -54.97
N VAL A 92 18.44 29.22 -55.16
CA VAL A 92 17.68 28.47 -56.16
C VAL A 92 17.17 29.46 -57.20
N THR A 93 17.25 29.08 -58.47
CA THR A 93 16.82 29.93 -59.57
C THR A 93 15.77 29.20 -60.40
N PHE A 94 14.72 29.93 -60.77
CA PHE A 94 13.64 29.40 -61.61
C PHE A 94 13.57 30.22 -62.90
N LYS A 95 13.67 29.53 -64.03
CA LYS A 95 13.56 30.17 -65.34
C LYS A 95 12.34 29.62 -66.07
N ALA A 96 11.47 30.52 -66.54
CA ALA A 96 10.26 30.10 -67.22
C ALA A 96 10.60 29.33 -68.50
N THR A 97 9.92 28.20 -68.69
CA THR A 97 10.14 27.44 -69.90
C THR A 97 9.65 28.22 -71.10
N ASP A 98 10.15 27.83 -72.28
CA ASP A 98 9.69 28.45 -73.51
C ASP A 98 8.23 28.12 -73.81
N GLU A 99 7.66 27.11 -73.14
CA GLU A 99 6.27 26.77 -73.40
C GLU A 99 5.32 27.69 -72.63
N THR A 100 5.67 28.09 -71.40
CA THR A 100 4.89 29.11 -70.71
C THR A 100 5.34 30.52 -71.10
N LEU A 101 6.56 30.68 -71.63
CA LEU A 101 6.88 31.91 -72.32
C LEU A 101 5.97 32.10 -73.51
N ALA A 102 5.65 31.01 -74.21
CA ALA A 102 4.74 31.07 -75.34
C ALA A 102 3.35 31.53 -74.91
N THR A 103 2.84 31.00 -73.79
CA THR A 103 1.53 31.43 -73.32
C THR A 103 1.54 32.86 -72.79
N TYR A 104 2.71 33.38 -72.40
CA TYR A 104 2.81 34.80 -72.08
C TYR A 104 2.77 35.66 -73.34
N ASN A 105 3.16 35.10 -74.48
CA ASN A 105 3.22 35.82 -75.74
C ASN A 105 2.27 35.20 -76.76
N ALA A 106 1.01 35.00 -76.37
CA ALA A 106 0.01 34.44 -77.25
C ALA A 106 -0.91 35.52 -77.82
N ASP A 107 -1.21 36.55 -77.04
CA ASP A 107 -1.80 37.78 -77.55
C ASP A 107 -1.52 38.87 -76.53
N LEU A 108 -0.59 39.76 -76.85
CA LEU A 108 -0.13 40.80 -75.95
C LEU A 108 -1.17 41.88 -75.69
N THR A 109 -2.30 41.86 -76.39
CA THR A 109 -3.35 42.85 -76.16
C THR A 109 -4.26 42.49 -74.99
N LYS A 110 -4.18 41.27 -74.47
CA LYS A 110 -4.96 40.87 -73.31
C LYS A 110 -4.05 40.58 -72.12
N PRO A 111 -4.52 40.84 -70.90
CA PRO A 111 -3.83 40.31 -69.73
C PRO A 111 -3.79 38.79 -69.76
N VAL A 112 -2.73 38.24 -69.18
CA VAL A 112 -2.48 36.81 -69.05
C VAL A 112 -2.05 36.55 -67.61
N GLU A 113 -2.49 35.42 -67.07
CA GLU A 113 -2.16 34.98 -65.70
C GLU A 113 -0.80 34.27 -65.79
N THR A 114 0.15 34.62 -64.93
CA THR A 114 1.48 34.04 -65.01
C THR A 114 1.68 32.95 -63.95
N LEU A 115 2.48 31.93 -64.28
CA LEU A 115 2.74 30.85 -63.33
C LEU A 115 3.74 31.28 -62.27
N HIS A 116 3.79 30.53 -61.16
CA HIS A 116 4.70 30.82 -60.06
C HIS A 116 5.29 29.53 -59.52
N PRO A 117 6.57 29.53 -59.17
CA PRO A 117 7.18 28.35 -58.54
C PRO A 117 7.03 28.36 -57.03
N THR A 118 7.39 27.24 -56.41
CA THR A 118 7.34 27.10 -54.96
C THR A 118 8.59 26.36 -54.48
N VAL A 119 9.31 26.97 -53.54
CA VAL A 119 10.42 26.30 -52.88
C VAL A 119 9.89 25.43 -51.75
N VAL A 120 10.42 24.21 -51.64
CA VAL A 120 9.96 23.27 -50.63
C VAL A 120 11.18 22.73 -49.88
N GLY A 121 11.20 22.92 -48.57
CA GLY A 121 12.24 22.37 -47.73
C GLY A 121 11.79 22.18 -46.29
N ARG A 122 12.73 21.97 -45.38
CA ARG A 122 12.39 21.88 -43.97
C ARG A 122 13.43 22.58 -43.12
N VAL A 123 12.97 23.21 -42.04
CA VAL A 123 13.85 23.93 -41.12
C VAL A 123 14.52 22.92 -40.20
N LEU A 124 15.79 23.16 -39.87
CA LEU A 124 16.62 22.15 -39.23
C LEU A 124 17.09 22.50 -37.82
N ASN A 125 16.94 23.74 -37.37
CA ASN A 125 17.53 24.17 -36.11
C ASN A 125 16.46 24.64 -35.13
N ASP A 126 16.71 24.44 -33.84
CA ASP A 126 15.85 25.00 -32.81
C ASP A 126 16.20 26.47 -32.57
N GLY A 127 15.22 27.23 -32.11
CA GLY A 127 15.44 28.62 -31.73
C GLY A 127 16.06 29.49 -32.81
N ALA A 128 15.68 29.27 -34.06
CA ALA A 128 16.24 29.99 -35.18
C ALA A 128 15.13 30.76 -35.90
N THR A 129 15.49 31.93 -36.42
CA THR A 129 14.62 32.71 -37.29
C THR A 129 15.07 32.54 -38.74
N TYR A 130 14.13 32.22 -39.61
CA TYR A 130 14.39 31.97 -41.02
C TYR A 130 13.78 33.10 -41.85
N THR A 131 14.62 33.85 -42.56
CA THR A 131 14.20 34.95 -43.41
C THR A 131 14.32 34.56 -44.88
N ASN A 132 13.46 35.15 -45.71
CA ASN A 132 13.47 34.83 -47.13
C ASN A 132 12.94 35.99 -47.96
N ASN A 133 13.51 36.15 -49.15
CA ASN A 133 12.94 36.99 -50.19
C ASN A 133 13.37 36.46 -51.54
N PHE A 134 12.81 37.03 -52.60
CA PHE A 134 13.20 36.63 -53.95
C PHE A 134 13.07 37.84 -54.86
N THR A 135 13.84 37.81 -55.94
CA THR A 135 13.74 38.84 -56.97
C THR A 135 13.22 38.20 -58.24
N LEU A 136 12.47 38.98 -59.02
CA LEU A 136 12.01 38.57 -60.34
C LEU A 136 12.49 39.60 -61.34
N THR A 137 13.31 39.18 -62.29
CA THR A 137 13.77 40.02 -63.38
C THR A 137 13.17 39.52 -64.69
N VAL A 138 12.60 40.43 -65.47
CA VAL A 138 11.95 40.08 -66.72
C VAL A 138 12.65 40.82 -67.86
N ASN A 139 12.97 40.09 -68.93
CA ASN A 139 13.55 40.66 -70.16
C ASN A 139 14.87 41.39 -69.91
N ASP A 140 15.62 41.02 -68.86
CA ASP A 140 16.70 41.81 -68.29
C ASP A 140 16.53 43.29 -68.61
N ALA A 141 15.48 43.88 -68.07
CA ALA A 141 15.19 45.31 -68.16
C ALA A 141 14.53 45.86 -66.91
N TYR A 142 13.69 45.06 -66.25
CA TYR A 142 12.95 45.46 -65.06
C TYR A 142 13.64 44.84 -63.86
N GLY A 143 12.94 43.98 -63.14
CA GLY A 143 13.47 43.39 -61.93
C GLY A 143 12.82 43.98 -60.69
N ILE A 144 12.26 43.12 -59.85
CA ILE A 144 11.57 43.53 -58.65
C ILE A 144 12.05 42.67 -57.48
N LYS A 145 12.24 43.31 -56.32
CA LYS A 145 12.70 42.64 -55.11
C LYS A 145 11.55 42.52 -54.14
N SER A 146 11.35 41.31 -53.60
CA SER A 146 10.15 40.99 -52.85
C SER A 146 10.25 41.39 -51.39
N ASN A 147 9.09 41.36 -50.72
CA ASN A 147 9.02 41.54 -49.28
C ASN A 147 9.70 40.39 -48.55
N VAL A 148 10.23 40.68 -47.37
CA VAL A 148 10.85 39.65 -46.53
C VAL A 148 9.78 38.93 -45.73
N VAL A 149 9.96 37.62 -45.57
CA VAL A 149 9.07 36.77 -44.77
C VAL A 149 9.90 36.06 -43.71
N ARG A 150 9.25 35.73 -42.59
CA ARG A 150 9.94 35.15 -41.44
C ARG A 150 9.14 34.02 -40.84
N VAL A 151 9.85 32.96 -40.44
CA VAL A 151 9.30 31.94 -39.57
C VAL A 151 10.35 31.64 -38.51
N THR A 152 9.89 31.27 -37.32
CA THR A 152 10.79 31.02 -36.21
C THR A 152 10.50 29.65 -35.62
N THR A 153 11.57 28.95 -35.22
CA THR A 153 11.36 27.72 -34.47
C THR A 153 11.53 28.00 -32.98
N PRO A 154 10.77 27.29 -32.13
CA PRO A 154 10.91 27.52 -30.69
C PRO A 154 12.29 27.12 -30.20
N GLY A 155 12.77 27.83 -29.19
CA GLY A 155 14.05 27.51 -28.60
C GLY A 155 14.94 28.69 -28.32
N LYS A 156 14.42 29.91 -28.50
CA LYS A 156 15.27 31.11 -28.25
C LYS A 156 14.46 32.16 -27.49
N PRO A 157 14.93 32.63 -26.31
CA PRO A 157 14.24 33.71 -25.61
C PRO A 157 14.33 35.07 -26.29
N ASN A 158 13.41 35.94 -25.87
CA ASN A 158 13.33 37.34 -26.30
C ASN A 158 12.98 37.47 -27.78
N ASP A 159 12.29 36.47 -28.32
CA ASP A 159 11.80 36.54 -29.70
C ASP A 159 10.76 37.64 -29.78
N PRO A 160 10.91 38.64 -30.66
CA PRO A 160 9.94 39.76 -30.67
C PRO A 160 8.57 39.37 -31.18
N ASP A 161 8.46 38.32 -32.00
CA ASP A 161 7.16 37.94 -32.53
C ASP A 161 6.42 36.97 -31.61
N ASN A 162 7.14 36.21 -30.79
CA ASN A 162 6.54 35.25 -29.86
C ASN A 162 7.11 35.50 -28.47
N PRO A 163 6.40 36.23 -27.62
CA PRO A 163 6.96 36.62 -26.31
C PRO A 163 7.10 35.46 -25.32
N ASN A 164 6.58 34.28 -25.63
CA ASN A 164 6.68 33.10 -24.76
C ASN A 164 7.83 32.17 -25.15
N ASN A 165 8.68 32.58 -26.09
CA ASN A 165 9.72 31.69 -26.59
C ASN A 165 10.84 31.53 -25.56
N ASN A 166 11.37 30.32 -25.54
CA ASN A 166 12.52 30.07 -24.69
C ASN A 166 13.13 28.72 -24.96
N TYR A 167 14.14 28.40 -24.21
CA TYR A 167 14.93 27.16 -24.28
C TYR A 167 13.89 26.08 -23.96
N ILE A 168 13.92 25.04 -24.77
CA ILE A 168 13.07 23.83 -24.60
C ILE A 168 13.88 23.00 -23.62
N LYS A 169 13.60 23.10 -22.32
CA LYS A 169 14.47 22.36 -21.40
C LYS A 169 13.59 21.52 -20.49
N PRO A 170 13.35 20.25 -20.84
CA PRO A 170 12.70 19.35 -19.88
C PRO A 170 13.60 19.17 -18.67
N THR A 171 12.99 19.16 -17.49
CA THR A 171 13.73 19.11 -16.24
C THR A 171 13.30 17.89 -15.43
N LYS A 172 14.22 17.39 -14.63
CA LYS A 172 13.95 16.29 -13.71
C LYS A 172 14.59 16.60 -12.36
N VAL A 173 13.78 16.55 -11.30
CA VAL A 173 14.27 16.70 -9.93
C VAL A 173 13.72 15.56 -9.09
N ASN A 174 14.52 15.12 -8.11
CA ASN A 174 14.09 14.13 -7.13
C ASN A 174 13.58 14.83 -5.87
N LYS A 175 12.40 14.44 -5.42
CA LYS A 175 11.79 15.01 -4.22
C LYS A 175 11.35 13.89 -3.29
N ASN A 176 11.26 14.20 -2.00
CA ASN A 176 10.52 13.37 -1.05
C ASN A 176 9.02 13.67 -1.14
N LYS A 177 8.26 13.46 -0.06
CA LYS A 177 6.83 13.74 -0.13
C LYS A 177 6.49 15.16 0.28
N GLU A 178 7.47 15.80 0.92
CA GLU A 178 7.31 17.20 1.41
C GLU A 178 7.70 18.21 0.32
N GLY A 179 8.24 17.74 -0.82
CA GLY A 179 8.63 18.63 -1.89
C GLY A 179 10.04 19.16 -1.85
N LEU A 180 10.87 18.65 -0.95
CA LEU A 180 12.24 19.13 -0.87
C LEU A 180 13.07 18.44 -1.94
N ASN A 181 13.81 19.24 -2.70
CA ASN A 181 14.71 18.71 -3.70
C ASN A 181 15.81 17.92 -3.00
N ILE A 182 15.95 16.65 -3.38
CA ILE A 182 16.92 15.77 -2.72
C ILE A 182 17.95 15.31 -3.74
N ASP A 183 18.24 16.18 -4.72
CA ASP A 183 19.24 15.85 -5.73
C ASP A 183 20.60 15.63 -5.09
N GLY A 184 21.24 14.51 -5.45
CA GLY A 184 22.54 14.16 -4.92
C GLY A 184 22.56 13.71 -3.47
N LYS A 185 21.42 13.70 -2.78
CA LYS A 185 21.43 13.37 -1.36
C LYS A 185 21.49 11.86 -1.17
N GLU A 186 21.75 11.45 0.07
CA GLU A 186 21.67 10.05 0.43
C GLU A 186 20.22 9.66 0.67
N VAL A 187 19.87 8.42 0.32
CA VAL A 187 18.51 7.91 0.44
C VAL A 187 18.58 6.57 1.16
N LEU A 188 17.91 6.47 2.30
CA LEU A 188 17.97 5.26 3.10
C LEU A 188 17.06 4.18 2.49
N ALA A 189 17.36 2.93 2.85
CA ALA A 189 16.64 1.79 2.30
C ALA A 189 15.14 1.90 2.55
N GLY A 190 14.36 1.34 1.62
CA GLY A 190 12.92 1.37 1.70
C GLY A 190 12.27 2.72 1.41
N SER A 191 13.05 3.77 1.22
CA SER A 191 12.50 5.08 0.90
C SER A 191 12.09 5.16 -0.56
N THR A 192 11.27 6.16 -0.86
CA THR A 192 10.70 6.35 -2.18
C THR A 192 11.18 7.67 -2.77
N ASN A 193 11.54 7.64 -4.06
CA ASN A 193 11.98 8.83 -4.78
C ASN A 193 10.75 9.37 -5.52
N TYR A 194 10.28 10.54 -5.12
CA TYR A 194 9.13 11.16 -5.78
C TYR A 194 9.65 12.08 -6.89
N TYR A 195 10.08 11.41 -7.96
CA TYR A 195 10.67 12.10 -9.11
C TYR A 195 9.66 13.06 -9.73
N GLU A 196 10.14 14.24 -10.12
CA GLU A 196 9.33 15.25 -10.77
C GLU A 196 9.85 15.49 -12.18
N LEU A 197 9.11 14.99 -13.17
CA LEU A 197 9.45 15.20 -14.58
C LEU A 197 8.60 16.34 -15.13
N THR A 198 9.27 17.38 -15.64
CA THR A 198 8.57 18.50 -16.26
C THR A 198 8.53 18.30 -17.77
N TRP A 199 7.33 18.38 -18.34
CA TRP A 199 7.13 18.35 -19.78
C TRP A 199 7.10 19.79 -20.25
N ASP A 200 8.21 20.25 -20.84
CA ASP A 200 8.38 21.65 -21.18
C ASP A 200 7.61 22.00 -22.44
N LEU A 201 6.53 22.78 -22.29
CA LEU A 201 5.69 23.14 -23.42
C LEU A 201 5.40 24.62 -23.55
N ASP A 202 5.90 25.46 -22.64
CA ASP A 202 5.62 26.90 -22.69
C ASP A 202 5.96 27.52 -24.04
N GLN A 203 7.13 27.20 -24.58
CA GLN A 203 7.61 27.90 -25.77
C GLN A 203 6.78 27.61 -27.01
N TYR A 204 6.08 26.48 -27.05
CA TYR A 204 5.27 26.10 -28.20
C TYR A 204 4.00 26.93 -28.35
N LYS A 205 3.76 27.90 -27.47
CA LYS A 205 2.54 28.69 -27.59
C LYS A 205 2.58 29.55 -28.84
N GLY A 206 1.50 29.52 -29.61
CA GLY A 206 1.44 30.18 -30.90
C GLY A 206 1.97 29.36 -32.06
N ASP A 207 2.38 28.11 -31.81
CA ASP A 207 2.86 27.24 -32.88
C ASP A 207 1.77 27.04 -33.93
N LYS A 208 2.16 27.02 -35.22
CA LYS A 208 1.25 26.64 -36.31
C LYS A 208 1.88 25.50 -37.13
N SER A 209 2.25 24.42 -36.43
CA SER A 209 2.75 23.25 -37.13
C SER A 209 1.62 22.56 -37.88
N SER A 210 2.00 21.73 -38.85
CA SER A 210 1.02 21.02 -39.66
C SER A 210 0.32 19.93 -38.86
N LYS A 211 -0.78 19.45 -39.42
CA LYS A 211 -1.57 18.40 -38.77
C LYS A 211 -0.87 17.05 -38.77
N GLU A 212 0.12 16.87 -39.65
CA GLU A 212 0.87 15.61 -39.70
C GLU A 212 2.14 15.66 -38.86
N ALA A 213 2.66 16.86 -38.61
CA ALA A 213 3.69 16.98 -37.58
C ALA A 213 3.11 16.68 -36.21
N ILE A 214 1.87 17.09 -35.97
CA ILE A 214 1.19 16.75 -34.73
C ILE A 214 0.94 15.26 -34.65
N GLN A 215 0.77 14.60 -35.81
CA GLN A 215 0.50 13.17 -35.81
C GLN A 215 1.75 12.34 -35.56
N ASN A 216 2.93 12.97 -35.55
CA ASN A 216 4.15 12.29 -35.11
C ASN A 216 4.09 11.98 -33.62
N GLY A 217 3.18 12.61 -32.89
CA GLY A 217 2.92 12.27 -31.51
C GLY A 217 3.70 13.12 -30.54
N PHE A 218 3.32 13.01 -29.28
CA PHE A 218 3.98 13.68 -28.17
C PHE A 218 4.23 12.65 -27.08
N TYR A 219 5.49 12.48 -26.70
CA TYR A 219 5.86 11.41 -25.79
C TYR A 219 6.84 11.92 -24.74
N TYR A 220 6.95 11.17 -23.66
CA TYR A 220 7.94 11.42 -22.61
C TYR A 220 8.54 10.08 -22.23
N VAL A 221 9.87 10.05 -22.11
CA VAL A 221 10.60 8.83 -21.80
C VAL A 221 11.35 9.05 -20.50
N ASP A 222 11.29 8.06 -19.61
CA ASP A 222 12.08 8.08 -18.38
C ASP A 222 12.92 6.82 -18.32
N ASP A 223 14.24 6.98 -18.37
CA ASP A 223 15.18 5.86 -18.23
C ASP A 223 15.46 5.68 -16.75
N TYR A 224 14.66 4.87 -16.10
CA TYR A 224 14.81 4.75 -14.67
C TYR A 224 15.74 3.59 -14.33
N PRO A 225 16.44 3.65 -13.18
CA PRO A 225 17.34 2.56 -12.80
C PRO A 225 16.58 1.32 -12.34
N GLU A 226 16.33 0.41 -13.30
CA GLU A 226 15.54 -0.78 -13.01
C GLU A 226 16.24 -1.74 -12.06
N GLU A 227 17.57 -1.66 -11.95
CA GLU A 227 18.33 -2.53 -11.08
C GLU A 227 18.31 -2.11 -9.63
N ALA A 228 17.84 -0.89 -9.32
CA ALA A 228 17.85 -0.39 -7.97
C ALA A 228 16.48 0.00 -7.42
N LEU A 229 15.55 0.43 -8.28
CA LEU A 229 14.25 0.93 -7.82
C LEU A 229 13.12 0.21 -8.54
N ASP A 230 11.93 0.31 -7.95
CA ASP A 230 10.69 -0.25 -8.51
C ASP A 230 9.66 0.87 -8.66
N VAL A 231 9.00 0.90 -9.82
CA VAL A 231 8.00 1.92 -10.09
C VAL A 231 6.74 1.66 -9.27
N ARG A 232 6.06 2.76 -8.88
CA ARG A 232 4.84 2.75 -8.09
C ARG A 232 3.65 3.05 -9.00
N PRO A 233 3.18 2.07 -9.78
CA PRO A 233 2.38 2.36 -11.00
C PRO A 233 1.11 3.18 -10.76
N ASP A 234 0.64 3.13 -9.50
CA ASP A 234 -0.62 3.74 -9.03
C ASP A 234 -0.38 5.12 -8.42
N LEU A 235 0.84 5.60 -8.40
CA LEU A 235 1.12 6.94 -7.91
C LEU A 235 1.69 7.85 -8.99
N VAL A 236 1.88 7.35 -10.20
CA VAL A 236 2.18 8.20 -11.35
C VAL A 236 0.99 9.10 -11.64
N LYS A 237 1.26 10.39 -11.86
CA LYS A 237 0.17 11.35 -12.13
C LYS A 237 0.67 12.50 -13.01
N VAL A 238 -0.11 12.88 -14.02
CA VAL A 238 0.24 13.97 -14.91
C VAL A 238 -0.64 15.17 -14.55
N ALA A 239 0.00 16.27 -14.16
CA ALA A 239 -0.71 17.50 -13.81
C ALA A 239 -0.05 18.69 -14.53
N ASP A 240 -0.82 19.76 -14.68
CA ASP A 240 -0.26 21.00 -15.21
C ASP A 240 0.53 21.72 -14.11
N GLU A 241 1.17 22.84 -14.49
CA GLU A 241 2.09 23.50 -13.57
C GLU A 241 1.41 24.04 -12.32
N LYS A 242 0.09 24.23 -12.35
CA LYS A 242 -0.62 24.74 -11.19
C LYS A 242 -1.02 23.60 -10.23
N GLY A 243 -1.72 22.60 -10.75
CA GLY A 243 -2.16 21.48 -9.91
C GLY A 243 -3.29 20.68 -10.51
N ASN A 244 -4.02 21.27 -11.47
CA ASN A 244 -5.09 20.54 -12.13
C ASN A 244 -4.54 19.30 -12.82
N GLN A 245 -5.35 18.23 -12.80
CA GLN A 245 -4.96 16.91 -13.35
C GLN A 245 -5.07 16.89 -14.88
N VAL A 246 -4.36 15.94 -15.51
CA VAL A 246 -4.35 15.73 -16.95
C VAL A 246 -4.70 14.27 -17.19
N SER A 247 -5.78 14.03 -17.93
CA SER A 247 -6.20 12.66 -18.21
C SER A 247 -5.46 12.08 -19.43
N GLY A 248 -5.58 12.80 -20.55
CA GLY A 248 -4.99 12.35 -21.80
C GLY A 248 -3.51 12.03 -21.88
N VAL A 249 -2.94 11.39 -20.87
CA VAL A 249 -1.55 10.91 -20.94
C VAL A 249 -1.47 9.48 -20.42
N SER A 250 -1.25 8.52 -21.31
CA SER A 250 -1.08 7.12 -20.93
C SER A 250 0.40 6.80 -20.67
N VAL A 251 0.63 5.73 -19.91
CA VAL A 251 1.97 5.32 -19.49
C VAL A 251 2.15 3.83 -19.75
N GLN A 252 3.31 3.46 -20.30
CA GLN A 252 3.66 2.06 -20.52
C GLN A 252 5.11 1.83 -20.11
N GLN A 253 5.37 0.71 -19.46
CA GLN A 253 6.70 0.31 -19.03
C GLN A 253 7.22 -0.82 -19.92
N TYR A 254 8.49 -0.71 -20.31
CA TYR A 254 9.14 -1.72 -21.13
C TYR A 254 10.43 -2.17 -20.44
N ASP A 255 10.59 -3.49 -20.30
CA ASP A 255 11.77 -4.03 -19.63
C ASP A 255 13.06 -3.79 -20.41
N SER A 256 12.96 -3.61 -21.73
CA SER A 256 14.11 -3.36 -22.57
C SER A 256 13.63 -2.79 -23.89
N LEU A 257 14.51 -2.02 -24.56
CA LEU A 257 14.11 -1.43 -25.83
C LEU A 257 13.96 -2.48 -26.93
N GLU A 258 14.77 -3.54 -26.88
CA GLU A 258 14.69 -4.61 -27.88
C GLU A 258 13.47 -5.51 -27.65
N ALA A 259 12.79 -5.36 -26.52
CA ALA A 259 11.55 -6.08 -26.27
C ALA A 259 10.41 -5.07 -26.19
N ALA A 260 10.30 -4.23 -27.21
CA ALA A 260 9.31 -3.18 -27.29
C ALA A 260 8.81 -3.11 -28.72
N PRO A 261 7.61 -2.60 -28.95
CA PRO A 261 7.12 -2.50 -30.32
C PRO A 261 8.07 -1.74 -31.23
N LYS A 262 8.16 -2.21 -32.48
CA LYS A 262 9.07 -1.61 -33.45
C LYS A 262 8.70 -0.17 -33.75
N LYS A 263 7.43 0.21 -33.55
CA LYS A 263 7.08 1.63 -33.56
C LYS A 263 7.83 2.40 -32.50
N VAL A 264 7.94 1.85 -31.30
CA VAL A 264 8.56 2.56 -30.19
C VAL A 264 10.06 2.73 -30.41
N GLN A 265 10.74 1.69 -30.89
CA GLN A 265 12.17 1.81 -31.15
C GLN A 265 12.44 2.79 -32.29
N ASP A 266 11.60 2.76 -33.33
CA ASP A 266 11.69 3.78 -34.37
C ASP A 266 11.52 5.17 -33.79
N LEU A 267 10.56 5.33 -32.88
CA LEU A 267 10.35 6.63 -32.22
C LEU A 267 11.63 7.12 -31.56
N LEU A 268 12.27 6.26 -30.75
CA LEU A 268 13.44 6.71 -29.98
C LEU A 268 14.67 6.92 -30.85
N LYS A 269 14.84 6.14 -31.92
CA LYS A 269 16.01 6.33 -32.76
C LYS A 269 15.87 7.54 -33.67
N LYS A 270 14.64 7.95 -33.99
CA LYS A 270 14.42 9.17 -34.74
C LYS A 270 14.42 10.40 -33.86
N ALA A 271 14.57 10.21 -32.54
CA ALA A 271 14.81 11.29 -31.60
C ALA A 271 16.19 11.20 -30.97
N ASN A 272 17.02 10.25 -31.40
CA ASN A 272 18.37 10.04 -30.91
C ASN A 272 18.40 9.66 -29.43
N ILE A 273 17.33 9.06 -28.92
CA ILE A 273 17.24 8.64 -27.53
C ILE A 273 17.62 7.18 -27.43
N THR A 274 18.54 6.85 -26.55
CA THR A 274 18.86 5.46 -26.25
C THR A 274 18.80 5.23 -24.74
N VAL A 275 18.40 4.02 -24.35
CA VAL A 275 18.03 3.71 -22.97
C VAL A 275 18.87 2.55 -22.45
N LYS A 276 19.31 2.66 -21.19
CA LYS A 276 19.98 1.57 -20.48
C LYS A 276 18.93 0.64 -19.88
N GLY A 277 18.61 -0.44 -20.58
CA GLY A 277 17.70 -1.43 -20.04
C GLY A 277 16.23 -1.01 -20.09
N ALA A 278 15.62 -0.84 -18.92
CA ALA A 278 14.20 -0.59 -18.84
C ALA A 278 13.91 0.90 -18.82
N PHE A 279 12.72 1.27 -19.29
CA PHE A 279 12.33 2.67 -19.39
C PHE A 279 10.80 2.74 -19.40
N GLN A 280 10.30 3.95 -19.17
CA GLN A 280 8.88 4.26 -19.27
C GLN A 280 8.63 5.14 -20.50
N LEU A 281 7.47 4.96 -21.11
CA LEU A 281 7.08 5.72 -22.29
C LEU A 281 5.71 6.34 -22.02
N PHE A 282 5.69 7.64 -21.76
CA PHE A 282 4.44 8.37 -21.61
C PHE A 282 3.95 8.79 -23.00
N SER A 283 2.68 8.51 -23.28
CA SER A 283 2.08 8.77 -24.58
C SER A 283 0.91 9.74 -24.44
N ALA A 284 0.47 10.29 -25.58
CA ALA A 284 -0.53 11.34 -25.61
C ALA A 284 -1.91 10.83 -26.03
N ASP A 285 -2.07 9.51 -26.14
CA ASP A 285 -3.35 8.92 -26.60
C ASP A 285 -3.71 9.54 -27.95
N ASN A 286 -4.52 10.59 -27.95
CA ASN A 286 -4.82 11.30 -29.19
C ASN A 286 -3.98 12.56 -29.26
N PRO A 287 -2.96 12.61 -30.11
CA PRO A 287 -2.07 13.79 -30.11
C PRO A 287 -2.75 15.07 -30.51
N GLU A 288 -3.83 15.02 -31.29
CA GLU A 288 -4.41 16.28 -31.77
C GLU A 288 -5.06 17.06 -30.63
N GLU A 289 -5.83 16.37 -29.79
CA GLU A 289 -6.46 17.02 -28.60
C GLU A 289 -5.37 17.39 -27.60
N PHE A 290 -4.33 16.58 -27.49
CA PHE A 290 -3.23 16.93 -26.61
C PHE A 290 -2.55 18.21 -27.11
N TYR A 291 -2.44 18.35 -28.44
CA TYR A 291 -1.82 19.53 -29.03
C TYR A 291 -2.64 20.79 -28.75
N LYS A 292 -3.94 20.77 -29.11
CA LYS A 292 -4.77 21.97 -28.95
C LYS A 292 -4.86 22.43 -27.51
N GLN A 293 -4.69 21.53 -26.54
CA GLN A 293 -4.98 21.86 -25.16
C GLN A 293 -3.74 22.08 -24.30
N TYR A 294 -2.60 21.51 -24.67
CA TYR A 294 -1.39 21.74 -23.89
C TYR A 294 -0.22 22.29 -24.71
N VAL A 295 -0.10 21.89 -25.97
CA VAL A 295 1.05 22.30 -26.78
C VAL A 295 0.83 23.70 -27.34
N ALA A 296 -0.28 23.89 -28.07
CA ALA A 296 -0.57 25.17 -28.68
C ALA A 296 -0.85 26.26 -27.65
N THR A 297 -1.22 25.88 -26.42
CA THR A 297 -1.50 26.85 -25.37
C THR A 297 -0.31 27.06 -24.43
N GLY A 298 0.81 26.40 -24.69
CA GLY A 298 2.02 26.66 -23.92
C GLY A 298 1.90 26.41 -22.42
N THR A 299 1.16 25.36 -22.04
CA THR A 299 1.01 24.98 -20.64
C THR A 299 1.83 23.71 -20.39
N SER A 300 2.94 23.86 -19.67
CA SER A 300 3.80 22.72 -19.37
C SER A 300 3.08 21.74 -18.42
N LEU A 301 3.44 20.47 -18.56
CA LEU A 301 2.93 19.42 -17.68
C LEU A 301 4.01 18.97 -16.71
N VAL A 302 3.58 18.39 -15.60
CA VAL A 302 4.46 17.86 -14.58
C VAL A 302 4.06 16.41 -14.32
N ILE A 303 5.04 15.52 -14.31
CA ILE A 303 4.81 14.09 -14.08
C ILE A 303 5.54 13.72 -12.80
N THR A 304 4.78 13.40 -11.75
CA THR A 304 5.38 12.77 -10.56
C THR A 304 5.50 11.28 -10.83
N ASP A 305 6.72 10.77 -10.76
CA ASP A 305 7.02 9.39 -11.15
C ASP A 305 7.74 8.73 -9.97
N PRO A 306 6.99 8.33 -8.95
CA PRO A 306 7.62 7.81 -7.72
C PRO A 306 8.12 6.39 -7.88
N MET A 307 9.31 6.13 -7.34
CA MET A 307 9.96 4.84 -7.38
C MET A 307 10.62 4.58 -6.04
N THR A 308 10.65 3.32 -5.62
CA THR A 308 11.13 3.00 -4.28
C THR A 308 12.37 2.11 -4.36
N VAL A 309 13.21 2.23 -3.33
CA VAL A 309 14.46 1.49 -3.30
C VAL A 309 14.14 0.02 -3.05
N LYS A 310 14.65 -0.85 -3.90
CA LYS A 310 14.46 -2.29 -3.71
C LYS A 310 14.98 -2.72 -2.34
N SER A 311 14.49 -3.87 -1.87
CA SER A 311 14.93 -4.38 -0.57
C SER A 311 16.43 -4.68 -0.59
N GLU A 312 16.86 -5.51 -1.54
CA GLU A 312 18.27 -5.89 -1.60
C GLU A 312 19.17 -4.66 -1.75
N PHE A 313 18.78 -3.72 -2.60
CA PHE A 313 19.65 -2.57 -2.87
C PHE A 313 19.88 -1.73 -1.62
N GLY A 314 18.93 -1.74 -0.68
CA GLY A 314 19.16 -1.05 0.57
C GLY A 314 20.14 -1.76 1.49
N LYS A 315 20.32 -3.07 1.30
CA LYS A 315 21.27 -3.83 2.10
C LYS A 315 22.66 -3.86 1.48
N THR A 316 22.76 -3.77 0.15
CA THR A 316 24.05 -3.68 -0.53
C THR A 316 24.57 -2.26 -0.60
N GLY A 317 23.67 -1.29 -0.78
CA GLY A 317 24.07 0.09 -0.98
C GLY A 317 24.52 0.31 -2.42
N GLY A 318 24.76 1.57 -2.75
CA GLY A 318 25.25 1.91 -4.07
C GLY A 318 24.75 3.27 -4.49
N LYS A 319 24.76 3.50 -5.80
CA LYS A 319 24.27 4.74 -6.38
C LYS A 319 23.42 4.42 -7.60
N TYR A 320 22.47 5.31 -7.89
CA TYR A 320 21.59 5.12 -9.03
C TYR A 320 21.35 6.47 -9.69
N GLU A 321 20.99 6.40 -10.98
CA GLU A 321 20.80 7.60 -11.80
C GLU A 321 19.49 7.50 -12.56
N ASN A 322 18.73 8.58 -12.57
CA ASN A 322 17.51 8.71 -13.35
C ASN A 322 17.67 9.78 -14.42
N LYS A 323 17.24 9.50 -15.65
CA LYS A 323 17.25 10.52 -16.69
C LYS A 323 16.02 10.37 -17.57
N ALA A 324 15.48 11.51 -17.98
CA ALA A 324 14.26 11.58 -18.77
C ALA A 324 14.50 12.33 -20.08
N TYR A 325 13.57 12.13 -21.00
CA TYR A 325 13.60 12.77 -22.31
C TYR A 325 12.21 13.28 -22.66
N GLN A 326 12.18 14.30 -23.50
CA GLN A 326 10.94 14.87 -24.00
C GLN A 326 10.96 14.79 -25.51
N ILE A 327 9.88 14.32 -26.10
CA ILE A 327 9.81 14.07 -27.54
C ILE A 327 8.56 14.73 -28.09
N ASP A 328 8.72 15.90 -28.71
CA ASP A 328 7.61 16.64 -29.32
C ASP A 328 7.83 16.71 -30.82
N PHE A 329 6.76 16.45 -31.58
CA PHE A 329 6.79 16.46 -33.04
C PHE A 329 7.84 15.51 -33.62
N GLY A 330 8.33 14.57 -32.81
CA GLY A 330 9.40 13.69 -33.21
C GLY A 330 10.78 14.09 -32.76
N ASN A 331 10.94 15.31 -32.23
CA ASN A 331 12.24 15.82 -31.80
C ASN A 331 12.45 15.56 -30.32
N GLY A 332 13.65 15.09 -29.99
CA GLY A 332 13.98 14.67 -28.63
C GLY A 332 14.88 15.67 -27.92
N TYR A 333 14.52 15.95 -26.67
CA TYR A 333 15.32 16.79 -25.80
C TYR A 333 15.49 16.09 -24.46
N ALA A 334 16.65 16.27 -23.85
CA ALA A 334 17.06 15.45 -22.72
C ALA A 334 17.19 16.29 -21.45
N THR A 335 16.71 15.73 -20.34
CA THR A 335 16.98 16.30 -19.03
C THR A 335 18.41 16.00 -18.62
N GLU A 336 18.90 16.78 -17.65
CA GLU A 336 20.11 16.43 -16.91
C GLU A 336 19.88 15.15 -16.10
N VAL A 337 20.99 14.54 -15.67
CA VAL A 337 20.94 13.31 -14.87
C VAL A 337 20.89 13.67 -13.40
N VAL A 338 19.95 13.05 -12.66
CA VAL A 338 19.88 13.18 -11.21
C VAL A 338 20.47 11.93 -10.57
N VAL A 339 21.27 12.12 -9.54
CA VAL A 339 22.06 11.05 -8.93
C VAL A 339 21.72 10.97 -7.45
N ASN A 340 21.64 9.75 -6.92
CA ASN A 340 21.41 9.53 -5.51
C ASN A 340 22.25 8.35 -5.06
N ASN A 341 22.49 8.28 -3.75
CA ASN A 341 23.30 7.23 -3.15
C ASN A 341 22.54 6.59 -2.00
N VAL A 342 22.62 5.27 -1.91
CA VAL A 342 22.05 4.52 -0.79
C VAL A 342 23.19 4.10 0.13
N PRO A 343 23.17 4.47 1.41
CA PRO A 343 24.24 4.07 2.31
C PRO A 343 24.00 2.67 2.85
N LYS A 344 25.08 1.88 2.95
CA LYS A 344 24.99 0.56 3.54
C LYS A 344 25.03 0.67 5.06
N ILE A 345 23.96 0.22 5.71
CA ILE A 345 23.84 0.24 7.17
C ILE A 345 24.25 -1.11 7.72
N THR A 346 25.20 -1.11 8.66
CA THR A 346 25.65 -2.34 9.31
C THR A 346 25.94 -2.07 10.80
N PRO A 347 24.93 -2.33 11.66
CA PRO A 347 25.19 -2.20 13.11
C PRO A 347 26.06 -3.33 13.64
N LYS A 348 26.72 -3.06 14.76
CA LYS A 348 27.61 -4.03 15.40
C LYS A 348 27.24 -4.18 16.87
N LYS A 349 27.91 -5.12 17.54
CA LYS A 349 27.59 -5.48 18.91
C LYS A 349 28.82 -6.06 19.59
N ASP A 350 29.11 -5.59 20.80
CA ASP A 350 30.13 -6.16 21.67
C ASP A 350 29.53 -6.34 23.06
N VAL A 351 30.32 -6.89 23.98
CA VAL A 351 29.89 -7.12 25.36
C VAL A 351 30.84 -6.39 26.31
N THR A 352 30.29 -5.93 27.43
CA THR A 352 31.06 -5.19 28.42
C THR A 352 30.56 -5.50 29.84
N VAL A 367 33.23 -13.19 32.82
CA VAL A 367 31.83 -12.77 33.11
C VAL A 367 31.43 -13.34 34.48
N GLN A 368 31.28 -14.66 34.57
CA GLN A 368 30.99 -15.46 35.80
C GLN A 368 29.53 -15.38 36.26
N LEU A 369 28.99 -16.51 36.69
CA LEU A 369 27.59 -16.69 37.16
C LEU A 369 27.15 -15.55 38.09
N TYR A 370 26.04 -14.92 37.72
CA TYR A 370 25.36 -13.83 38.44
C TYR A 370 26.12 -12.51 38.46
N GLN A 371 27.19 -12.39 37.68
CA GLN A 371 27.90 -11.13 37.45
C GLN A 371 27.16 -10.34 36.38
N THR A 372 26.94 -9.04 36.62
CA THR A 372 26.27 -8.20 35.63
C THR A 372 27.23 -7.75 34.53
N PHE A 373 26.68 -7.59 33.32
CA PHE A 373 27.45 -7.24 32.14
C PHE A 373 26.52 -6.53 31.16
N ASN A 374 27.11 -5.86 30.17
CA ASN A 374 26.33 -5.09 29.22
C ASN A 374 26.49 -5.64 27.81
N TYR A 375 25.37 -5.73 27.10
CA TYR A 375 25.40 -5.84 25.65
C TYR A 375 25.50 -4.44 25.08
N ARG A 376 26.58 -4.15 24.35
CA ARG A 376 26.75 -2.86 23.69
C ARG A 376 26.21 -2.98 22.27
N LEU A 377 25.13 -2.26 21.99
CA LEU A 377 24.44 -2.33 20.70
C LEU A 377 24.64 -0.99 19.99
N ILE A 378 25.55 -0.98 19.01
CA ILE A 378 25.83 0.22 18.21
C ILE A 378 24.89 0.22 17.01
N GLY A 379 24.21 1.34 16.79
CA GLY A 379 23.28 1.45 15.68
C GLY A 379 23.95 1.83 14.37
N GLY A 380 23.17 1.77 13.30
CA GLY A 380 23.69 2.11 11.99
C GLY A 380 23.94 3.60 11.83
N LEU A 381 24.90 3.92 10.97
CA LEU A 381 25.27 5.30 10.71
C LEU A 381 24.36 5.89 9.64
N ILE A 382 23.47 6.80 10.04
CA ILE A 382 22.70 7.59 9.10
C ILE A 382 23.60 8.71 8.60
N PRO A 383 24.08 8.66 7.36
CA PRO A 383 25.11 9.60 6.92
C PRO A 383 24.60 11.02 6.72
N GLN A 384 25.54 11.96 6.72
CA GLN A 384 25.26 13.35 6.44
C GLN A 384 24.50 13.51 5.12
N ASN A 385 23.64 14.52 5.06
CA ASN A 385 22.96 14.91 3.82
C ASN A 385 22.02 13.81 3.32
N HIS A 386 21.13 13.35 4.21
CA HIS A 386 20.15 12.35 3.83
C HIS A 386 18.83 13.00 3.43
N SER A 387 17.98 12.20 2.79
CA SER A 387 16.80 12.70 2.10
C SER A 387 15.55 12.74 2.97
N GLU A 388 15.27 11.66 3.69
CA GLU A 388 14.00 11.45 4.39
C GLU A 388 14.17 11.57 5.90
N GLU A 389 13.13 12.08 6.54
CA GLU A 389 13.14 12.27 8.02
C GLU A 389 13.19 10.92 8.71
N LEU A 390 13.97 10.83 9.80
CA LEU A 390 14.01 9.65 10.63
C LEU A 390 12.68 9.53 11.36
N GLU A 391 12.06 8.37 11.27
CA GLU A 391 10.77 8.13 11.91
C GLU A 391 10.84 6.86 12.75
N ASP A 392 12.01 6.22 12.81
CA ASP A 392 12.20 4.95 13.48
C ASP A 392 13.68 4.63 13.57
N TYR A 393 14.19 4.55 14.80
CA TYR A 393 15.56 4.13 15.08
C TYR A 393 15.48 3.29 16.34
N SER A 394 15.41 1.97 16.16
CA SER A 394 15.11 1.07 17.26
C SER A 394 16.18 0.00 17.37
N PHE A 395 16.39 -0.46 18.59
CA PHE A 395 17.32 -1.54 18.90
C PHE A 395 16.52 -2.74 19.38
N VAL A 396 16.81 -3.90 18.82
CA VAL A 396 16.04 -5.11 19.09
C VAL A 396 17.04 -6.20 19.45
N ASP A 397 17.01 -6.65 20.70
CA ASP A 397 17.94 -7.66 21.18
C ASP A 397 17.17 -8.91 21.55
N ASP A 398 17.45 -10.01 20.86
CA ASP A 398 16.84 -11.31 21.14
C ASP A 398 17.86 -12.14 21.89
N TYR A 399 17.81 -12.07 23.21
CA TYR A 399 18.74 -12.80 24.06
C TYR A 399 18.17 -14.19 24.39
N ASP A 400 19.04 -15.07 24.89
CA ASP A 400 18.62 -16.40 25.33
C ASP A 400 18.18 -16.26 26.79
N GLN A 401 16.87 -16.27 27.01
CA GLN A 401 16.32 -16.08 28.35
C GLN A 401 16.68 -17.22 29.29
N ALA A 402 16.98 -18.41 28.77
CA ALA A 402 17.36 -19.52 29.62
C ALA A 402 18.77 -19.37 30.19
N GLY A 403 19.60 -18.49 29.62
CA GLY A 403 20.96 -18.32 30.08
C GLY A 403 21.25 -16.94 30.65
N ASP A 404 20.69 -15.91 30.01
CA ASP A 404 20.85 -14.54 30.45
C ASP A 404 19.47 -13.95 30.71
N GLN A 405 19.41 -12.93 31.57
CA GLN A 405 18.17 -12.20 31.76
C GLN A 405 18.44 -10.71 31.83
N TYR A 406 17.47 -9.93 31.36
CA TYR A 406 17.61 -8.49 31.20
C TYR A 406 17.21 -7.83 32.51
N THR A 407 18.18 -7.16 33.16
CA THR A 407 17.93 -6.50 34.44
C THR A 407 16.77 -5.50 34.36
N GLY A 408 16.64 -4.81 33.23
CA GLY A 408 15.67 -3.74 33.10
C GLY A 408 16.26 -2.34 33.09
N ASN A 409 17.58 -2.20 33.20
CA ASN A 409 18.25 -0.92 33.04
C ASN A 409 18.98 -0.87 31.70
N TYR A 410 19.03 0.33 31.11
CA TYR A 410 19.71 0.53 29.84
C TYR A 410 19.98 2.02 29.66
N LYS A 411 21.09 2.31 28.95
CA LYS A 411 21.51 3.70 28.69
C LYS A 411 21.85 3.86 27.20
N THR A 412 21.23 4.84 26.53
CA THR A 412 21.46 5.12 25.13
C THR A 412 22.23 6.42 25.00
N PHE A 413 23.25 6.41 24.16
CA PHE A 413 24.11 7.58 23.94
C PHE A 413 24.20 7.86 22.45
N SER A 414 24.28 9.14 22.11
CA SER A 414 24.68 9.50 20.76
C SER A 414 26.11 9.01 20.51
N SER A 415 26.37 8.58 19.29
CA SER A 415 27.69 8.10 18.90
C SER A 415 28.49 9.15 18.14
N LEU A 416 27.88 10.28 17.79
CA LEU A 416 28.57 11.39 17.14
C LEU A 416 27.87 12.69 17.53
N ASN A 417 28.21 13.76 16.84
CA ASN A 417 27.66 15.08 17.10
C ASN A 417 26.41 15.27 16.25
N LEU A 418 25.29 15.57 16.90
CA LEU A 418 24.02 15.72 16.21
C LEU A 418 23.60 17.19 16.25
N THR A 419 23.50 17.79 15.07
CA THR A 419 22.80 19.04 14.88
C THR A 419 21.37 18.75 14.47
N MET A 420 20.55 19.80 14.54
CA MET A 420 19.13 19.72 14.29
C MET A 420 18.57 21.10 13.91
N LYS A 421 17.24 21.14 13.85
CA LYS A 421 16.55 22.24 13.19
C LYS A 421 16.68 23.53 13.99
N ASP A 422 16.50 23.47 15.33
CA ASP A 422 16.64 24.68 16.14
C ASP A 422 18.00 25.34 15.93
N GLY A 423 19.06 24.55 15.92
CA GLY A 423 20.40 25.06 15.75
C GLY A 423 21.40 24.47 16.71
N SER A 424 20.93 23.98 17.85
CA SER A 424 21.83 23.36 18.83
C SER A 424 22.53 22.15 18.22
N VAL A 425 23.63 21.75 18.86
CA VAL A 425 24.39 20.57 18.48
C VAL A 425 24.52 19.67 19.71
N ILE A 426 23.89 18.51 19.67
CA ILE A 426 23.99 17.52 20.74
C ILE A 426 25.34 16.85 20.68
N LYS A 427 26.08 16.88 21.79
CA LYS A 427 27.48 16.48 21.75
C LYS A 427 27.61 14.95 21.69
N ALA A 428 28.74 14.51 21.16
CA ALA A 428 29.02 13.08 21.07
C ALA A 428 29.20 12.50 22.47
N GLY A 429 28.51 11.40 22.75
CA GLY A 429 28.54 10.78 24.06
C GLY A 429 27.45 11.24 25.01
N THR A 430 26.51 12.06 24.54
CA THR A 430 25.45 12.54 25.39
C THR A 430 24.40 11.45 25.62
N ASP A 431 23.98 11.29 26.88
CA ASP A 431 22.95 10.32 27.20
C ASP A 431 21.60 10.80 26.69
N LEU A 432 20.96 9.97 25.86
CA LEU A 432 19.68 10.31 25.25
C LEU A 432 18.56 9.38 25.72
N THR A 433 18.74 8.75 26.89
CA THR A 433 17.75 7.79 27.35
C THR A 433 16.46 8.45 27.77
N SER A 434 16.49 9.75 28.08
CA SER A 434 15.26 10.50 28.33
C SER A 434 14.48 10.75 27.05
N GLN A 435 14.93 10.21 25.92
CA GLN A 435 14.23 10.28 24.65
C GLN A 435 14.16 8.91 24.00
N THR A 436 13.99 7.87 24.82
CA THR A 436 13.81 6.50 24.35
C THR A 436 12.57 5.89 25.00
N THR A 437 12.26 4.67 24.59
CA THR A 437 11.09 3.95 25.09
C THR A 437 11.35 2.46 24.89
N ALA A 438 11.52 1.73 25.99
CA ALA A 438 11.78 0.30 25.92
C ALA A 438 10.48 -0.49 26.07
N GLU A 439 10.53 -1.75 25.65
CA GLU A 439 9.50 -2.70 26.03
C GLU A 439 10.05 -4.11 25.86
N THR A 440 9.44 -5.05 26.56
CA THR A 440 9.97 -6.40 26.74
C THR A 440 8.93 -7.43 26.31
N ASP A 441 9.37 -8.42 25.54
CA ASP A 441 8.53 -9.54 25.12
C ASP A 441 9.10 -10.77 25.82
N ALA A 442 8.49 -11.13 26.96
CA ALA A 442 8.99 -12.24 27.74
C ALA A 442 8.72 -13.59 27.09
N THR A 443 7.76 -13.66 26.16
CA THR A 443 7.46 -14.91 25.48
C THR A 443 8.67 -15.40 24.69
N ASN A 444 9.28 -14.51 23.91
CA ASN A 444 10.43 -14.85 23.07
C ASN A 444 11.76 -14.37 23.66
N GLY A 445 11.74 -13.48 24.65
CA GLY A 445 12.97 -12.95 25.19
C GLY A 445 13.60 -11.90 24.31
N ILE A 446 12.94 -10.75 24.18
CA ILE A 446 13.33 -9.70 23.25
C ILE A 446 13.17 -8.35 23.93
N VAL A 447 14.26 -7.60 24.06
CA VAL A 447 14.22 -6.22 24.49
C VAL A 447 14.20 -5.32 23.27
N THR A 448 13.37 -4.28 23.33
CA THR A 448 13.24 -3.33 22.22
C THR A 448 13.36 -1.92 22.78
N VAL A 449 14.53 -1.30 22.59
CA VAL A 449 14.74 0.11 22.89
C VAL A 449 14.41 0.90 21.63
N ARG A 450 13.40 1.76 21.72
CA ARG A 450 13.01 2.62 20.61
C ARG A 450 13.29 4.08 20.92
N PHE A 451 13.78 4.81 19.94
CA PHE A 451 13.66 6.26 19.94
C PHE A 451 12.22 6.54 19.53
N LYS A 452 11.55 7.41 20.30
CA LYS A 452 10.18 7.83 19.95
C LYS A 452 10.22 8.55 18.60
N GLU A 453 9.08 8.98 18.08
CA GLU A 453 9.15 9.66 16.78
C GLU A 453 9.44 11.14 16.91
N ASP A 454 8.84 11.80 17.89
CA ASP A 454 8.92 13.26 17.94
C ASP A 454 10.32 13.77 18.31
N PHE A 455 11.20 12.91 18.85
CA PHE A 455 12.59 13.31 18.96
C PHE A 455 13.35 13.06 17.65
N LEU A 456 13.13 11.91 17.01
CA LEU A 456 13.83 11.62 15.77
C LEU A 456 13.47 12.61 14.68
N GLN A 457 12.20 13.04 14.66
CA GLN A 457 11.69 14.00 13.69
C GLN A 457 11.94 15.42 14.15
N LYS A 458 12.89 15.60 15.07
CA LYS A 458 13.39 16.92 15.41
C LYS A 458 14.78 17.17 14.84
N ILE A 459 15.33 16.20 14.08
CA ILE A 459 16.73 16.18 13.65
C ILE A 459 16.83 16.70 12.22
N SER A 460 17.83 17.56 11.99
CA SER A 460 18.06 18.13 10.66
C SER A 460 18.43 17.04 9.67
N LEU A 461 17.93 17.19 8.44
CA LEU A 461 18.19 16.19 7.41
C LEU A 461 19.62 16.22 6.91
N ASP A 462 20.40 17.24 7.28
CA ASP A 462 21.80 17.33 6.88
C ASP A 462 22.76 16.85 7.97
N SER A 463 22.28 16.60 9.14
CA SER A 463 23.17 16.08 10.17
C SER A 463 23.21 14.56 10.14
N PRO A 464 24.34 13.95 10.49
CA PRO A 464 24.38 12.49 10.62
C PRO A 464 23.64 12.05 11.88
N PHE A 465 23.46 10.73 11.98
CA PHE A 465 22.83 10.16 13.17
C PHE A 465 23.40 8.77 13.43
N GLN A 466 23.76 8.53 14.69
CA GLN A 466 24.13 7.20 15.16
C GLN A 466 23.98 7.17 16.67
N ALA A 467 23.56 6.03 17.20
CA ALA A 467 23.37 5.90 18.64
C ALA A 467 23.72 4.49 19.06
N GLU A 468 24.06 4.35 20.34
CA GLU A 468 24.35 3.06 20.94
C GLU A 468 23.55 2.91 22.22
N THR A 469 23.18 1.68 22.53
CA THR A 469 22.53 1.35 23.79
C THR A 469 23.35 0.30 24.52
N TYR A 470 23.41 0.43 25.83
CA TYR A 470 23.98 -0.59 26.71
C TYR A 470 22.82 -1.24 27.43
N LEU A 471 22.60 -2.53 27.17
CA LEU A 471 21.57 -3.32 27.84
C LEU A 471 22.23 -4.04 29.00
N GLN A 472 21.86 -3.69 30.22
CA GLN A 472 22.41 -4.35 31.39
C GLN A 472 21.76 -5.72 31.56
N MET A 473 22.58 -6.76 31.56
CA MET A 473 22.14 -8.13 31.72
C MET A 473 23.01 -8.80 32.77
N ARG A 474 22.68 -10.07 33.07
CA ARG A 474 23.41 -10.92 34.05
C ARG A 474 23.23 -12.39 33.67
N ARG A 475 24.26 -13.22 33.81
CA ARG A 475 24.16 -14.64 33.51
C ARG A 475 23.48 -15.38 34.66
N ILE A 476 22.54 -16.25 34.30
CA ILE A 476 21.76 -16.99 35.29
C ILE A 476 21.84 -18.47 34.97
N ALA A 477 22.81 -18.85 34.15
CA ALA A 477 23.04 -20.25 33.82
C ALA A 477 24.48 -20.41 33.35
N ILE A 478 24.98 -21.63 33.38
CA ILE A 478 26.33 -21.91 32.94
C ILE A 478 26.33 -22.20 31.44
N GLY A 479 27.45 -21.92 30.78
CA GLY A 479 27.60 -22.10 29.35
C GLY A 479 27.71 -20.78 28.60
N THR A 480 27.62 -20.87 27.28
CA THR A 480 27.58 -19.71 26.41
C THR A 480 26.32 -19.78 25.55
N PHE A 481 25.79 -18.60 25.21
CA PHE A 481 24.45 -18.50 24.63
C PHE A 481 24.44 -17.45 23.53
N GLU A 482 23.68 -17.74 22.47
CA GLU A 482 23.62 -16.86 21.31
C GLU A 482 22.72 -15.66 21.60
N ASN A 483 23.03 -14.55 20.91
CA ASN A 483 22.32 -13.29 21.13
C ASN A 483 22.31 -12.52 19.82
N THR A 484 21.14 -12.36 19.22
CA THR A 484 20.99 -11.64 17.97
C THR A 484 20.53 -10.20 18.22
N TYR A 485 21.11 -9.27 17.49
CA TYR A 485 20.78 -7.85 17.60
C TYR A 485 20.38 -7.33 16.23
N VAL A 486 19.24 -6.65 16.18
CA VAL A 486 18.69 -6.12 14.95
C VAL A 486 18.44 -4.62 15.15
N ASN A 487 18.98 -3.82 14.23
CA ASN A 487 18.74 -2.39 14.21
C ASN A 487 17.67 -2.07 13.17
N THR A 488 16.86 -1.06 13.46
CA THR A 488 15.73 -0.69 12.62
C THR A 488 15.84 0.79 12.29
N VAL A 489 15.79 1.11 11.01
CA VAL A 489 15.72 2.50 10.53
C VAL A 489 14.55 2.59 9.57
N ASN A 490 13.58 3.43 9.89
CA ASN A 490 12.36 3.59 9.10
C ASN A 490 11.79 2.23 8.66
N LYS A 491 11.63 1.35 9.66
CA LYS A 491 10.94 0.06 9.51
C LYS A 491 11.60 -0.85 8.47
N VAL A 492 12.90 -0.71 8.24
CA VAL A 492 13.69 -1.73 7.56
C VAL A 492 14.72 -2.23 8.57
N ALA A 493 14.83 -3.56 8.68
CA ALA A 493 15.58 -4.20 9.75
C ALA A 493 16.95 -4.66 9.23
N TYR A 494 18.01 -4.22 9.90
CA TYR A 494 19.37 -4.63 9.60
C TYR A 494 19.87 -5.55 10.69
N ALA A 495 20.31 -6.74 10.30
CA ALA A 495 20.94 -7.66 11.24
C ALA A 495 22.28 -7.07 11.70
N SER A 496 23.10 -7.88 12.36
CA SER A 496 24.36 -7.37 12.88
C SER A 496 25.35 -8.51 13.04
N ALA A 497 26.59 -8.15 13.33
CA ALA A 497 27.68 -9.10 13.48
C ALA A 497 28.65 -8.65 14.57
N TYR B 6 -63.61 -32.51 58.99
CA TYR B 6 -63.90 -31.78 57.76
C TYR B 6 -62.75 -31.89 56.75
N SER B 7 -63.04 -32.44 55.56
CA SER B 7 -62.03 -32.67 54.52
C SER B 7 -62.73 -33.00 53.20
N SER B 8 -61.97 -33.52 52.23
CA SER B 8 -62.55 -34.01 50.95
C SER B 8 -62.96 -32.89 49.98
N LEU B 9 -63.83 -33.28 49.05
CA LEU B 9 -64.36 -32.41 47.98
C LEU B 9 -63.29 -31.42 47.55
N LEU B 10 -62.15 -31.91 47.07
CA LEU B 10 -61.10 -31.03 46.56
C LEU B 10 -61.57 -30.46 45.23
N ALA B 11 -62.22 -29.29 45.31
CA ALA B 11 -62.64 -28.53 44.13
C ALA B 11 -61.98 -27.17 44.15
N GLN B 12 -60.85 -27.08 44.86
CA GLN B 12 -60.13 -25.84 45.06
C GLN B 12 -59.68 -25.25 43.72
N PRO B 13 -59.33 -23.97 43.68
CA PRO B 13 -58.93 -23.36 42.41
C PRO B 13 -57.66 -23.98 41.87
N GLN B 14 -57.62 -24.15 40.55
CA GLN B 14 -56.37 -24.46 39.89
C GLN B 14 -55.47 -23.22 39.96
N ILE B 15 -54.16 -23.44 39.98
CA ILE B 15 -53.22 -22.34 40.06
C ILE B 15 -52.37 -22.32 38.81
N ASN B 16 -51.66 -21.20 38.63
CA ASN B 16 -50.99 -20.94 37.37
C ASN B 16 -49.77 -20.08 37.66
N LYS B 17 -48.59 -20.67 37.43
CA LYS B 17 -47.32 -19.97 37.55
C LYS B 17 -46.98 -19.30 36.22
N GLU B 18 -46.54 -18.05 36.28
CA GLU B 18 -46.13 -17.32 35.11
C GLU B 18 -44.68 -16.87 35.28
N ILE B 19 -43.94 -16.85 34.17
CA ILE B 19 -42.54 -16.48 34.17
C ILE B 19 -42.33 -15.39 33.12
N LYS B 20 -41.68 -14.30 33.52
CA LYS B 20 -41.54 -13.13 32.67
C LYS B 20 -40.13 -12.56 32.83
N ASN B 21 -39.74 -11.68 31.91
CA ASN B 21 -38.50 -10.93 32.04
C ASN B 21 -38.83 -9.55 32.60
N GLU B 22 -37.83 -8.68 32.69
CA GLU B 22 -38.04 -7.42 33.42
C GLU B 22 -38.76 -6.38 32.57
N ASP B 23 -39.20 -6.75 31.38
CA ASP B 23 -40.11 -5.95 30.57
C ASP B 23 -41.53 -6.49 30.59
N GLY B 24 -41.79 -7.54 31.37
CA GLY B 24 -43.11 -8.12 31.45
C GLY B 24 -43.51 -8.97 30.27
N VAL B 25 -42.56 -9.64 29.63
CA VAL B 25 -42.83 -10.47 28.46
C VAL B 25 -42.87 -11.93 28.89
N ASP B 26 -43.91 -12.65 28.47
CA ASP B 26 -43.99 -14.07 28.73
C ASP B 26 -42.84 -14.79 28.06
N ILE B 27 -42.00 -15.45 28.86
CA ILE B 27 -40.83 -16.15 28.35
C ILE B 27 -40.89 -17.64 28.64
N ASP B 28 -42.07 -18.19 28.92
CA ASP B 28 -42.19 -19.61 29.21
C ASP B 28 -41.86 -20.40 27.95
N ARG B 29 -41.06 -21.46 28.12
CA ARG B 29 -40.65 -22.34 27.03
C ARG B 29 -39.93 -21.59 25.91
N THR B 30 -39.22 -20.52 26.25
CA THR B 30 -38.42 -19.79 25.28
C THR B 30 -36.99 -19.70 25.80
N LEU B 31 -36.26 -18.69 25.32
CA LEU B 31 -34.83 -18.55 25.59
C LEU B 31 -34.52 -17.12 26.00
N VAL B 32 -33.65 -16.98 27.00
CA VAL B 32 -33.26 -15.67 27.52
C VAL B 32 -31.76 -15.70 27.78
N ALA B 33 -31.13 -14.54 27.70
CA ALA B 33 -29.68 -14.48 27.82
C ALA B 33 -29.24 -14.69 29.27
N LYS B 34 -28.00 -15.11 29.43
CA LYS B 34 -27.43 -15.28 30.76
C LYS B 34 -27.38 -13.94 31.48
N GLN B 35 -27.53 -13.99 32.80
CA GLN B 35 -27.62 -12.85 33.72
C GLN B 35 -28.93 -12.08 33.56
N SER B 36 -29.89 -12.58 32.79
CA SER B 36 -31.16 -11.90 32.64
C SER B 36 -31.99 -12.01 33.92
N ILE B 37 -32.62 -10.90 34.29
CA ILE B 37 -33.63 -10.93 35.35
C ILE B 37 -34.81 -11.76 34.89
N VAL B 38 -35.22 -12.71 35.71
CA VAL B 38 -36.36 -13.58 35.43
C VAL B 38 -37.32 -13.51 36.61
N LYS B 39 -38.58 -13.17 36.34
CA LYS B 39 -39.61 -13.04 37.36
C LYS B 39 -40.52 -14.26 37.33
N PHE B 40 -40.65 -14.94 38.48
CA PHE B 40 -41.68 -15.95 38.67
C PHE B 40 -42.90 -15.32 39.34
N GLU B 41 -44.06 -15.47 38.71
CA GLU B 41 -45.30 -14.90 39.24
C GLU B 41 -46.21 -16.05 39.64
N LEU B 42 -46.51 -16.15 40.94
CA LEU B 42 -47.25 -17.28 41.48
C LEU B 42 -48.71 -16.87 41.59
N LYS B 43 -49.39 -16.90 40.44
CA LYS B 43 -50.78 -16.49 40.34
C LYS B 43 -51.65 -17.63 40.84
N THR B 44 -52.79 -17.23 41.43
CA THR B 44 -53.81 -18.18 41.95
C THR B 44 -55.17 -17.77 41.39
N GLU B 45 -55.97 -18.72 40.94
CA GLU B 45 -57.29 -18.36 40.35
C GLU B 45 -58.26 -17.89 41.44
N ALA B 46 -59.17 -17.00 41.07
CA ALA B 46 -60.22 -16.52 42.00
C ALA B 46 -60.74 -17.56 43.00
N LEU B 47 -61.10 -17.09 44.19
CA LEU B 47 -61.60 -17.94 45.27
C LEU B 47 -63.10 -18.22 45.12
N THR B 48 -63.46 -19.49 45.12
CA THR B 48 -64.84 -19.93 45.21
C THR B 48 -65.54 -19.26 46.38
N GLY B 50 -69.05 -19.05 48.19
CA GLY B 50 -69.56 -20.06 49.10
C GLY B 50 -68.48 -20.96 49.64
N ARG B 51 -67.41 -20.35 50.12
CA ARG B 51 -66.21 -21.03 50.59
C ARG B 51 -66.14 -21.00 52.12
N PRO B 52 -65.22 -21.75 52.71
CA PRO B 52 -64.91 -21.57 54.14
C PRO B 52 -63.96 -20.40 54.36
N LYS B 53 -63.89 -19.97 55.62
CA LYS B 53 -62.96 -18.90 55.99
C LYS B 53 -61.52 -19.42 55.94
N THR B 54 -60.62 -18.56 55.47
CA THR B 54 -59.24 -18.94 55.18
C THR B 54 -58.36 -18.59 56.38
N THR B 55 -57.91 -19.63 57.10
CA THR B 55 -56.89 -19.42 58.13
C THR B 55 -55.55 -19.08 57.51
N SER B 56 -54.98 -20.01 56.73
CA SER B 56 -53.68 -19.81 56.12
C SER B 56 -53.79 -19.83 54.61
N PHE B 57 -52.85 -19.13 53.95
CA PHE B 57 -52.75 -19.08 52.49
C PHE B 57 -51.26 -18.99 52.18
N VAL B 58 -50.65 -20.13 51.92
CA VAL B 58 -49.20 -20.26 51.89
C VAL B 58 -48.76 -20.79 50.51
N LEU B 59 -47.83 -20.07 49.89
CA LEU B 59 -47.22 -20.47 48.63
C LEU B 59 -45.76 -20.76 48.90
N VAL B 60 -45.32 -21.97 48.53
CA VAL B 60 -43.94 -22.39 48.76
C VAL B 60 -43.33 -22.78 47.41
N ASP B 61 -42.26 -22.08 47.03
CA ASP B 61 -41.64 -22.22 45.72
C ASP B 61 -40.20 -22.67 45.85
N PRO B 62 -39.90 -23.95 45.63
CA PRO B 62 -38.51 -24.39 45.53
C PRO B 62 -37.90 -23.91 44.21
N LEU B 63 -36.89 -23.06 44.32
CA LEU B 63 -36.32 -22.41 43.15
C LEU B 63 -35.28 -23.31 42.48
N PRO B 64 -35.08 -23.15 41.17
CA PRO B 64 -34.12 -24.00 40.45
C PRO B 64 -32.67 -23.60 40.70
N THR B 65 -31.78 -24.58 40.51
CA THR B 65 -30.35 -24.33 40.60
C THR B 65 -29.90 -23.41 39.46
N GLY B 66 -28.98 -22.50 39.78
CA GLY B 66 -28.52 -21.51 38.83
C GLY B 66 -29.30 -20.21 38.84
N TYR B 67 -30.36 -20.12 39.62
CA TYR B 67 -31.23 -18.95 39.68
C TYR B 67 -30.90 -18.20 40.98
N LYS B 68 -30.31 -17.02 40.85
CA LYS B 68 -29.85 -16.26 42.00
C LYS B 68 -31.01 -15.43 42.53
N PHE B 69 -31.54 -15.82 43.69
CA PHE B 69 -32.73 -15.21 44.27
C PHE B 69 -32.37 -13.88 44.91
N ASP B 70 -33.16 -12.85 44.62
CA ASP B 70 -32.96 -11.51 45.17
C ASP B 70 -34.06 -11.26 46.20
N LEU B 71 -33.67 -11.14 47.47
CA LEU B 71 -34.66 -11.16 48.55
C LEU B 71 -35.53 -9.91 48.55
N ASP B 72 -34.92 -8.72 48.49
CA ASP B 72 -35.71 -7.50 48.61
C ASP B 72 -36.42 -7.12 47.33
N ALA B 73 -35.92 -7.59 46.18
CA ALA B 73 -36.68 -7.39 44.95
C ALA B 73 -37.96 -8.21 45.00
N THR B 74 -37.88 -9.40 45.62
CA THR B 74 -39.06 -10.24 45.80
C THR B 74 -39.99 -9.65 46.86
N LYS B 75 -39.43 -9.06 47.92
CA LYS B 75 -40.26 -8.45 48.96
C LYS B 75 -41.01 -7.25 48.41
N ALA B 76 -40.32 -6.36 47.71
CA ALA B 76 -40.95 -5.14 47.21
C ALA B 76 -42.05 -5.44 46.21
N ALA B 77 -41.91 -6.52 45.44
CA ALA B 77 -42.91 -6.91 44.46
C ALA B 77 -43.98 -7.82 45.05
N SER B 78 -43.89 -8.17 46.33
CA SER B 78 -44.87 -9.05 46.95
C SER B 78 -45.52 -8.40 48.16
N THR B 79 -46.16 -7.25 47.96
CA THR B 79 -46.96 -6.65 49.01
C THR B 79 -48.18 -7.52 49.28
N GLY B 80 -48.61 -7.54 50.54
CA GLY B 80 -49.69 -8.39 50.97
C GLY B 80 -49.28 -9.80 51.32
N PHE B 81 -48.00 -10.13 51.20
CA PHE B 81 -47.45 -11.40 51.63
C PHE B 81 -46.24 -11.14 52.51
N ASP B 82 -45.83 -12.14 53.29
CA ASP B 82 -44.59 -12.09 54.05
C ASP B 82 -43.68 -13.19 53.54
N THR B 83 -42.49 -12.79 53.08
CA THR B 83 -41.62 -13.66 52.30
C THR B 83 -40.47 -14.11 53.17
N THR B 84 -40.30 -15.43 53.29
CA THR B 84 -39.16 -16.03 53.96
C THR B 84 -38.42 -16.91 52.97
N TYR B 85 -37.10 -16.95 53.10
CA TYR B 85 -36.25 -17.67 52.17
C TYR B 85 -35.35 -18.62 52.94
N ASP B 86 -35.44 -19.91 52.62
CA ASP B 86 -34.55 -20.92 53.16
C ASP B 86 -33.36 -21.06 52.22
N GLU B 87 -32.20 -20.54 52.63
CA GLU B 87 -31.04 -20.53 51.74
C GLU B 87 -30.51 -21.94 51.50
N ALA B 88 -30.63 -22.82 52.48
CA ALA B 88 -30.06 -24.16 52.38
C ALA B 88 -30.80 -25.02 51.38
N SER B 89 -32.08 -24.73 51.12
CA SER B 89 -32.88 -25.50 50.18
C SER B 89 -33.36 -24.69 48.99
N HIS B 90 -32.89 -23.45 48.83
CA HIS B 90 -33.26 -22.59 47.70
C HIS B 90 -34.78 -22.50 47.54
N THR B 91 -35.49 -22.48 48.65
CA THR B 91 -36.95 -22.46 48.66
C THR B 91 -37.43 -21.15 49.28
N VAL B 92 -38.40 -20.51 48.61
CA VAL B 92 -39.00 -19.27 49.08
C VAL B 92 -40.45 -19.54 49.44
N THR B 93 -40.91 -18.96 50.54
CA THR B 93 -42.26 -19.16 51.01
C THR B 93 -42.97 -17.81 51.15
N PHE B 94 -44.23 -17.77 50.74
CA PHE B 94 -45.07 -16.59 50.84
C PHE B 94 -46.30 -16.93 51.68
N LYS B 95 -46.53 -16.15 52.74
CA LYS B 95 -47.69 -16.31 53.60
C LYS B 95 -48.57 -15.07 53.49
N ALA B 96 -49.85 -15.27 53.24
CA ALA B 96 -50.78 -14.15 53.13
C ALA B 96 -50.88 -13.41 54.46
N THR B 97 -50.80 -12.08 54.39
CA THR B 97 -50.94 -11.24 55.56
C THR B 97 -52.37 -11.33 56.12
N ASP B 98 -52.53 -10.89 57.37
CA ASP B 98 -53.87 -10.86 57.96
C ASP B 98 -54.77 -9.85 57.25
N GLU B 99 -54.18 -8.91 56.50
CA GLU B 99 -54.98 -7.98 55.71
C GLU B 99 -55.40 -8.57 54.38
N THR B 100 -54.58 -9.45 53.81
CA THR B 100 -54.98 -10.17 52.61
C THR B 100 -55.88 -11.34 52.93
N LEU B 101 -55.74 -11.91 54.14
CA LEU B 101 -56.75 -12.84 54.62
C LEU B 101 -58.08 -12.14 54.86
N ALA B 102 -58.02 -10.92 55.40
CA ALA B 102 -59.24 -10.16 55.65
C ALA B 102 -60.00 -9.87 54.36
N THR B 103 -59.28 -9.48 53.31
CA THR B 103 -59.94 -9.21 52.03
C THR B 103 -60.47 -10.48 51.39
N TYR B 104 -59.89 -11.64 51.74
CA TYR B 104 -60.47 -12.92 51.35
C TYR B 104 -61.70 -13.26 52.19
N ASN B 105 -61.80 -12.70 53.38
CA ASN B 105 -62.90 -13.02 54.28
C ASN B 105 -63.74 -11.77 54.52
N ALA B 106 -64.16 -11.10 53.44
CA ALA B 106 -64.97 -9.90 53.58
C ALA B 106 -66.48 -10.14 53.43
N ASP B 107 -66.94 -10.98 52.50
CA ASP B 107 -68.24 -11.63 52.70
C ASP B 107 -68.23 -12.82 51.72
N LEU B 108 -68.20 -14.01 52.30
CA LEU B 108 -68.04 -15.31 51.65
C LEU B 108 -69.22 -15.74 50.77
N PRO B 111 -67.46 -14.43 45.22
CA PRO B 111 -66.08 -14.51 44.71
C PRO B 111 -65.24 -13.29 45.07
N VAL B 112 -63.94 -13.51 45.26
CA VAL B 112 -62.99 -12.43 45.53
C VAL B 112 -61.77 -12.65 44.65
N GLU B 113 -61.11 -11.56 44.29
CA GLU B 113 -59.91 -11.62 43.47
C GLU B 113 -58.70 -11.60 44.41
N THR B 114 -57.82 -12.57 44.22
CA THR B 114 -56.75 -12.87 45.15
C THR B 114 -55.40 -12.33 44.65
N LEU B 115 -54.57 -11.90 45.59
CA LEU B 115 -53.26 -11.34 45.30
C LEU B 115 -52.27 -12.44 44.93
N HIS B 116 -51.14 -12.04 44.35
CA HIS B 116 -50.09 -12.96 43.98
C HIS B 116 -48.74 -12.35 44.27
N PRO B 117 -47.79 -13.12 44.80
CA PRO B 117 -46.43 -12.64 44.96
C PRO B 117 -45.62 -12.92 43.71
N THR B 118 -44.41 -12.38 43.67
CA THR B 118 -43.52 -12.62 42.54
C THR B 118 -42.10 -12.87 43.02
N VAL B 119 -41.52 -13.99 42.60
CA VAL B 119 -40.11 -14.26 42.85
C VAL B 119 -39.29 -13.53 41.81
N VAL B 120 -38.20 -12.89 42.25
CA VAL B 120 -37.36 -12.08 41.39
C VAL B 120 -35.91 -12.52 41.55
N GLY B 121 -35.30 -12.94 40.46
CA GLY B 121 -33.89 -13.28 40.44
C GLY B 121 -33.31 -13.15 39.05
N ARG B 122 -32.13 -13.74 38.84
CA ARG B 122 -31.55 -13.81 37.51
C ARG B 122 -30.84 -15.14 37.32
N VAL B 123 -30.90 -15.65 36.08
CA VAL B 123 -30.28 -16.92 35.73
C VAL B 123 -28.78 -16.70 35.52
N LEU B 124 -27.96 -17.64 35.97
CA LEU B 124 -26.53 -17.41 36.08
C LEU B 124 -25.66 -18.28 35.18
N ASN B 125 -26.20 -19.33 34.55
CA ASN B 125 -25.40 -20.31 33.84
C ASN B 125 -25.77 -20.34 32.37
N ASP B 126 -24.77 -20.67 31.54
CA ASP B 126 -24.99 -20.88 30.12
C ASP B 126 -25.54 -22.27 29.87
N GLY B 127 -26.27 -22.42 28.77
CA GLY B 127 -26.74 -23.73 28.34
C GLY B 127 -27.52 -24.50 29.38
N ALA B 128 -28.35 -23.82 30.16
CA ALA B 128 -29.13 -24.45 31.22
C ALA B 128 -30.61 -24.21 31.01
N THR B 129 -31.41 -25.21 31.35
CA THR B 129 -32.86 -25.07 31.39
C THR B 129 -33.31 -24.89 32.83
N TYR B 130 -34.12 -23.87 33.08
CA TYR B 130 -34.56 -23.51 34.41
C TYR B 130 -36.04 -23.84 34.56
N THR B 131 -36.36 -24.80 35.42
CA THR B 131 -37.72 -25.24 35.65
C THR B 131 -38.22 -24.72 36.99
N ASN B 132 -39.53 -24.48 37.08
CA ASN B 132 -40.10 -23.94 38.30
C ASN B 132 -41.55 -24.36 38.45
N ASN B 133 -41.94 -24.59 39.70
CA ASN B 133 -43.35 -24.70 40.08
C ASN B 133 -43.46 -24.34 41.55
N PHE B 134 -44.70 -24.22 42.02
CA PHE B 134 -44.97 -23.93 43.42
C PHE B 134 -46.25 -24.62 43.82
N THR B 135 -46.39 -24.85 45.12
CA THR B 135 -47.62 -25.41 45.67
C THR B 135 -48.29 -24.36 46.54
N LEU B 136 -49.62 -24.43 46.60
CA LEU B 136 -50.44 -23.57 47.44
C LEU B 136 -51.25 -24.47 48.37
N THR B 137 -51.04 -24.31 49.67
CA THR B 137 -51.83 -25.03 50.66
C THR B 137 -52.73 -24.05 51.39
N VAL B 138 -54.01 -24.39 51.51
CA VAL B 138 -55.02 -23.53 52.11
C VAL B 138 -55.55 -24.24 53.34
N ASN B 139 -55.63 -23.50 54.45
CA ASN B 139 -56.16 -24.01 55.72
C ASN B 139 -55.37 -25.21 56.23
N ASP B 140 -54.09 -25.31 55.87
CA ASP B 140 -53.24 -26.49 56.02
C ASP B 140 -54.06 -27.77 55.97
N ALA B 141 -54.75 -27.99 54.87
CA ALA B 141 -55.43 -29.26 54.67
C ALA B 141 -55.47 -29.60 53.19
N TYR B 142 -55.69 -28.60 52.35
CA TYR B 142 -55.84 -28.79 50.92
C TYR B 142 -54.61 -28.24 50.22
N GLY B 143 -54.00 -29.05 49.36
CA GLY B 143 -52.77 -28.69 48.67
C GLY B 143 -52.94 -28.66 47.16
N ILE B 144 -52.48 -27.59 46.51
CA ILE B 144 -52.62 -27.45 45.06
C ILE B 144 -51.23 -27.24 44.48
N LYS B 145 -50.92 -27.97 43.41
CA LYS B 145 -49.62 -27.93 42.75
C LYS B 145 -49.76 -27.26 41.39
N SER B 146 -48.86 -26.34 41.09
CA SER B 146 -48.97 -25.50 39.90
C SER B 146 -48.34 -26.20 38.69
N ASN B 147 -48.67 -25.65 37.52
CA ASN B 147 -48.03 -26.07 36.28
C ASN B 147 -46.54 -25.71 36.30
N VAL B 148 -45.75 -26.50 35.58
CA VAL B 148 -44.32 -26.23 35.47
C VAL B 148 -44.08 -25.20 34.37
N VAL B 149 -43.14 -24.28 34.62
CA VAL B 149 -42.71 -23.33 33.61
C VAL B 149 -41.19 -23.43 33.47
N ARG B 150 -40.69 -23.18 32.28
CA ARG B 150 -39.26 -23.28 32.03
C ARG B 150 -38.80 -22.19 31.09
N VAL B 151 -37.58 -21.72 31.32
CA VAL B 151 -36.85 -20.87 30.39
C VAL B 151 -35.45 -21.44 30.25
N THR B 152 -34.84 -21.22 29.10
CA THR B 152 -33.52 -21.77 28.79
C THR B 152 -32.56 -20.65 28.41
N THR B 153 -31.33 -20.79 28.82
CA THR B 153 -30.31 -19.88 28.34
C THR B 153 -29.56 -20.49 27.16
N PRO B 154 -29.11 -19.68 26.21
CA PRO B 154 -28.38 -20.25 25.07
C PRO B 154 -27.07 -20.89 25.50
N GLY B 155 -26.71 -21.97 24.81
CA GLY B 155 -25.46 -22.67 25.08
C GLY B 155 -25.60 -24.17 25.19
N LYS B 156 -26.74 -24.73 24.80
CA LYS B 156 -27.03 -26.14 25.02
C LYS B 156 -27.57 -26.79 23.72
N PRO B 157 -26.92 -27.83 23.21
CA PRO B 157 -27.44 -28.49 22.00
C PRO B 157 -28.63 -29.39 22.31
N ASN B 158 -29.38 -29.69 21.24
CA ASN B 158 -30.50 -30.63 21.30
C ASN B 158 -31.61 -30.13 22.22
N ASP B 159 -31.68 -28.81 22.39
CA ASP B 159 -32.73 -28.21 23.20
C ASP B 159 -34.09 -28.41 22.51
N PRO B 160 -35.07 -29.03 23.18
CA PRO B 160 -36.34 -29.29 22.49
C PRO B 160 -37.15 -28.05 22.19
N ASP B 161 -36.97 -26.96 22.94
CA ASP B 161 -37.76 -25.75 22.71
C ASP B 161 -37.11 -24.81 21.69
N ASN B 162 -35.79 -24.87 21.56
CA ASN B 162 -35.06 -24.05 20.60
C ASN B 162 -34.16 -24.94 19.76
N PRO B 163 -34.58 -25.34 18.57
CA PRO B 163 -33.79 -26.29 17.78
C PRO B 163 -32.49 -25.71 17.24
N ASN B 164 -32.28 -24.39 17.37
CA ASN B 164 -31.05 -23.76 16.92
C ASN B 164 -30.05 -23.55 18.04
N ASN B 165 -30.35 -23.98 19.27
CA ASN B 165 -29.44 -23.70 20.37
C ASN B 165 -28.29 -24.71 20.35
N ASN B 166 -27.08 -24.20 20.54
CA ASN B 166 -25.86 -24.99 20.58
C ASN B 166 -24.82 -24.17 21.35
N TYR B 167 -23.57 -24.63 21.32
CA TYR B 167 -22.56 -24.04 22.18
C TYR B 167 -22.19 -22.65 21.68
N ILE B 168 -21.87 -21.77 22.63
CA ILE B 168 -21.45 -20.40 22.33
C ILE B 168 -19.94 -20.48 22.17
N LYS B 169 -19.48 -20.69 20.92
CA LYS B 169 -18.07 -20.92 20.64
C LYS B 169 -17.60 -19.97 19.55
N PRO B 170 -17.10 -18.79 19.93
CA PRO B 170 -16.39 -17.96 18.96
C PRO B 170 -15.10 -18.65 18.55
N THR B 171 -14.79 -18.60 17.25
CA THR B 171 -13.63 -19.30 16.73
C THR B 171 -12.70 -18.34 16.00
N LYS B 172 -11.42 -18.67 16.01
CA LYS B 172 -10.41 -17.91 15.30
C LYS B 172 -9.50 -18.87 14.55
N VAL B 173 -9.34 -18.63 13.25
CA VAL B 173 -8.43 -19.41 12.43
C VAL B 173 -7.52 -18.47 11.67
N ASN B 174 -6.28 -18.88 11.48
CA ASN B 174 -5.34 -18.15 10.64
C ASN B 174 -5.36 -18.76 9.24
N LYS B 175 -5.52 -17.91 8.23
CA LYS B 175 -5.52 -18.36 6.85
C LYS B 175 -4.52 -17.54 6.06
N ASN B 176 -4.01 -18.13 4.96
CA ASN B 176 -3.30 -17.31 3.98
C ASN B 176 -4.33 -16.61 3.09
N LYS B 177 -3.95 -16.23 1.88
CA LYS B 177 -4.93 -15.58 1.02
C LYS B 177 -5.61 -16.54 0.07
N GLU B 178 -5.06 -17.74 -0.10
CA GLU B 178 -5.74 -18.82 -0.81
C GLU B 178 -6.90 -19.40 -0.03
N GLY B 179 -6.99 -19.10 1.27
CA GLY B 179 -8.01 -19.67 2.12
C GLY B 179 -7.58 -20.91 2.88
N LEU B 180 -6.29 -21.24 2.85
CA LEU B 180 -5.80 -22.43 3.52
C LEU B 180 -5.56 -22.16 5.00
N ASN B 181 -6.03 -23.05 5.86
CA ASN B 181 -5.79 -22.93 7.29
C ASN B 181 -4.29 -23.08 7.58
N ILE B 182 -3.71 -22.06 8.19
CA ILE B 182 -2.27 -22.02 8.47
C ILE B 182 -2.06 -21.87 9.98
N ASP B 183 -2.90 -22.52 10.78
CA ASP B 183 -2.84 -22.36 12.22
C ASP B 183 -1.46 -22.69 12.79
N GLY B 184 -1.05 -23.95 12.73
CA GLY B 184 0.24 -24.32 13.28
C GLY B 184 1.46 -24.07 12.41
N LYS B 185 1.27 -23.50 11.22
CA LYS B 185 2.35 -23.43 10.24
C LYS B 185 3.33 -22.29 10.55
N GLU B 186 4.47 -22.34 9.85
CA GLU B 186 5.47 -21.28 9.88
C GLU B 186 5.07 -20.14 8.95
N VAL B 187 5.45 -18.92 9.34
CA VAL B 187 5.11 -17.72 8.58
C VAL B 187 6.38 -16.90 8.40
N LEU B 188 6.76 -16.65 7.15
CA LEU B 188 7.98 -15.90 6.87
C LEU B 188 7.76 -14.41 7.08
N ALA B 189 8.87 -13.69 7.29
CA ALA B 189 8.78 -12.25 7.51
C ALA B 189 8.08 -11.56 6.34
N GLY B 190 7.39 -10.48 6.66
CA GLY B 190 6.64 -9.75 5.66
C GLY B 190 5.38 -10.42 5.18
N SER B 191 5.12 -11.67 5.57
CA SER B 191 3.89 -12.32 5.17
C SER B 191 2.73 -11.81 6.03
N THR B 192 1.52 -12.02 5.52
CA THR B 192 0.27 -11.57 6.14
C THR B 192 -0.57 -12.75 6.63
N ASN B 193 -1.09 -12.56 7.83
CA ASN B 193 -2.00 -13.50 8.48
C ASN B 193 -3.41 -12.99 8.21
N TYR B 194 -4.19 -13.74 7.44
CA TYR B 194 -5.57 -13.37 7.16
C TYR B 194 -6.47 -14.02 8.20
N TYR B 195 -6.40 -13.46 9.41
CA TYR B 195 -7.14 -14.00 10.54
C TYR B 195 -8.63 -13.92 10.28
N GLU B 196 -9.33 -15.01 10.60
CA GLU B 196 -10.77 -15.07 10.43
C GLU B 196 -11.42 -15.23 11.81
N LEU B 197 -12.07 -14.17 12.30
CA LEU B 197 -12.77 -14.18 13.57
C LEU B 197 -14.26 -14.45 13.33
N THR B 198 -14.76 -15.51 13.93
CA THR B 198 -16.17 -15.86 13.84
C THR B 198 -16.93 -15.34 15.06
N TRP B 199 -17.97 -14.55 14.81
CA TRP B 199 -18.88 -14.08 15.86
C TRP B 199 -20.06 -15.03 15.92
N ASP B 200 -20.05 -15.93 16.91
CA ASP B 200 -21.05 -17.00 16.98
C ASP B 200 -22.36 -16.43 17.51
N LEU B 201 -23.38 -16.41 16.65
CA LEU B 201 -24.69 -15.91 17.00
C LEU B 201 -25.79 -16.91 16.66
N ASP B 202 -25.42 -18.11 16.20
CA ASP B 202 -26.37 -19.14 15.82
C ASP B 202 -27.39 -19.43 16.94
N GLN B 203 -26.90 -19.60 18.16
CA GLN B 203 -27.75 -20.08 19.25
C GLN B 203 -28.76 -19.05 19.74
N TYR B 204 -28.51 -17.76 19.54
CA TYR B 204 -29.39 -16.71 20.04
C TYR B 204 -30.71 -16.59 19.28
N LYS B 205 -30.97 -17.43 18.27
CA LYS B 205 -32.22 -17.31 17.52
C LYS B 205 -33.40 -17.69 18.40
N GLY B 206 -34.44 -16.86 18.37
CA GLY B 206 -35.59 -17.03 19.24
C GLY B 206 -35.43 -16.41 20.61
N ASP B 207 -34.32 -15.70 20.85
CA ASP B 207 -34.09 -15.05 22.13
C ASP B 207 -35.21 -14.07 22.46
N LYS B 208 -35.59 -14.01 23.72
CA LYS B 208 -36.54 -13.03 24.24
C LYS B 208 -35.94 -12.27 25.41
N SER B 209 -34.73 -11.77 25.25
CA SER B 209 -34.11 -10.99 26.30
C SER B 209 -34.76 -9.61 26.42
N SER B 210 -34.58 -9.00 27.57
CA SER B 210 -35.14 -7.68 27.82
C SER B 210 -34.40 -6.62 27.00
N LYS B 211 -35.02 -5.44 26.92
CA LYS B 211 -34.42 -4.34 26.18
C LYS B 211 -33.20 -3.77 26.90
N GLU B 212 -33.03 -4.06 28.19
CA GLU B 212 -31.89 -3.57 28.94
C GLU B 212 -30.72 -4.54 28.93
N ALA B 213 -30.97 -5.83 28.75
CA ALA B 213 -29.88 -6.76 28.48
C ALA B 213 -29.27 -6.50 27.11
N ILE B 214 -30.11 -6.18 26.11
CA ILE B 214 -29.60 -5.86 24.78
C ILE B 214 -28.77 -4.60 24.81
N GLN B 215 -29.11 -3.67 25.69
CA GLN B 215 -28.45 -2.38 25.74
C GLN B 215 -27.08 -2.46 26.41
N ASN B 216 -26.74 -3.62 27.00
CA ASN B 216 -25.37 -3.87 27.43
C ASN B 216 -24.39 -3.95 26.27
N GLY B 217 -24.90 -4.08 25.04
CA GLY B 217 -24.07 -3.98 23.85
C GLY B 217 -23.60 -5.33 23.32
N PHE B 218 -23.06 -5.28 22.10
CA PHE B 218 -22.51 -6.45 21.44
C PHE B 218 -21.15 -6.06 20.90
N TYR B 219 -20.11 -6.78 21.33
CA TYR B 219 -18.74 -6.42 21.02
C TYR B 219 -17.94 -7.65 20.64
N TYR B 220 -16.81 -7.40 19.99
CA TYR B 220 -15.81 -8.41 19.68
C TYR B 220 -14.45 -7.84 20.01
N VAL B 221 -13.61 -8.61 20.70
CA VAL B 221 -12.30 -8.16 21.12
C VAL B 221 -11.26 -9.11 20.52
N ASP B 222 -10.20 -8.55 19.96
CA ASP B 222 -9.08 -9.34 19.47
C ASP B 222 -7.80 -8.85 20.15
N ASP B 223 -7.20 -9.72 20.96
CA ASP B 223 -5.93 -9.43 21.64
C ASP B 223 -4.81 -9.83 20.69
N TYR B 224 -4.38 -8.87 19.86
CA TYR B 224 -3.40 -9.25 18.85
C TYR B 224 -1.98 -8.98 19.32
N PRO B 225 -1.01 -9.77 18.81
CA PRO B 225 0.39 -9.58 19.22
C PRO B 225 1.01 -8.35 18.60
N GLU B 226 0.95 -7.22 19.32
CA GLU B 226 1.44 -5.95 18.80
C GLU B 226 2.96 -5.94 18.63
N GLU B 227 3.67 -6.81 19.34
CA GLU B 227 5.13 -6.87 19.25
C GLU B 227 5.61 -7.61 18.02
N ALA B 228 4.74 -8.34 17.33
CA ALA B 228 5.12 -9.15 16.19
C ALA B 228 4.38 -8.81 14.91
N LEU B 229 3.16 -8.29 14.99
CA LEU B 229 2.37 -7.99 13.80
C LEU B 229 1.86 -6.55 13.85
N ASP B 230 1.47 -6.06 12.67
CA ASP B 230 0.87 -4.74 12.51
C ASP B 230 -0.49 -4.92 11.85
N VAL B 231 -1.50 -4.25 12.41
CA VAL B 231 -2.84 -4.35 11.85
C VAL B 231 -2.90 -3.59 10.53
N ARG B 232 -3.64 -4.13 9.57
CA ARG B 232 -3.81 -3.59 8.23
C ARG B 232 -5.20 -2.97 8.08
N PRO B 233 -5.42 -1.76 8.62
CA PRO B 233 -6.79 -1.30 8.89
C PRO B 233 -7.72 -1.32 7.70
N ASP B 234 -7.21 -1.33 6.48
CA ASP B 234 -8.06 -1.25 5.29
C ASP B 234 -8.35 -2.63 4.70
N LEU B 235 -8.11 -3.69 5.46
CA LEU B 235 -8.57 -5.01 5.03
C LEU B 235 -9.43 -5.71 6.08
N VAL B 236 -9.64 -5.08 7.24
CA VAL B 236 -10.67 -5.57 8.15
C VAL B 236 -12.04 -5.39 7.50
N LYS B 237 -12.83 -6.47 7.54
CA LYS B 237 -14.19 -6.47 6.93
C LYS B 237 -15.09 -7.42 7.71
N VAL B 238 -16.35 -7.03 7.91
CA VAL B 238 -17.32 -7.84 8.65
C VAL B 238 -18.34 -8.33 7.65
N ALA B 239 -18.45 -9.66 7.53
CA ALA B 239 -19.42 -10.29 6.66
C ALA B 239 -20.13 -11.39 7.43
N ASP B 240 -21.34 -11.73 6.98
CA ASP B 240 -22.02 -12.89 7.54
C ASP B 240 -21.45 -14.17 6.91
N GLU B 241 -21.93 -15.32 7.39
CA GLU B 241 -21.38 -16.60 6.98
C GLU B 241 -21.59 -16.87 5.49
N LYS B 242 -22.53 -16.17 4.86
CA LYS B 242 -22.80 -16.39 3.44
C LYS B 242 -21.81 -15.61 2.58
N GLY B 243 -21.72 -14.31 2.80
CA GLY B 243 -20.83 -13.46 2.05
C GLY B 243 -21.23 -12.01 2.07
N ASN B 244 -22.49 -11.73 2.39
CA ASN B 244 -22.95 -10.36 2.38
C ASN B 244 -22.16 -9.53 3.39
N GLN B 245 -22.04 -8.24 3.10
CA GLN B 245 -21.31 -7.33 3.95
C GLN B 245 -22.19 -6.87 5.11
N VAL B 246 -21.57 -6.39 6.18
CA VAL B 246 -22.28 -6.05 7.40
C VAL B 246 -22.02 -4.59 7.74
N SER B 247 -23.07 -3.80 7.77
CA SER B 247 -23.02 -2.39 8.14
C SER B 247 -23.19 -2.24 9.65
N GLY B 248 -22.84 -1.05 10.14
CA GLY B 248 -23.05 -0.73 11.55
C GLY B 248 -22.21 -1.51 12.54
N VAL B 249 -20.98 -1.87 12.17
CA VAL B 249 -20.03 -2.49 13.09
C VAL B 249 -18.73 -1.70 12.99
N SER B 250 -18.45 -0.90 14.00
CA SER B 250 -17.25 -0.07 14.05
C SER B 250 -16.08 -0.84 14.65
N VAL B 251 -14.87 -0.35 14.35
CA VAL B 251 -13.64 -0.97 14.80
C VAL B 251 -12.76 0.11 15.41
N GLN B 252 -12.16 -0.19 16.56
CA GLN B 252 -11.23 0.71 17.21
C GLN B 252 -10.02 -0.06 17.71
N GLN B 253 -8.84 0.51 17.51
CA GLN B 253 -7.60 -0.07 17.98
C GLN B 253 -7.11 0.71 19.19
N TYR B 254 -6.69 -0.02 20.23
CA TYR B 254 -6.16 0.59 21.44
C TYR B 254 -4.79 -0.02 21.75
N ASP B 255 -3.79 0.84 21.96
CA ASP B 255 -2.45 0.36 22.22
C ASP B 255 -2.33 -0.31 23.60
N SER B 256 -3.21 0.03 24.54
CA SER B 256 -3.18 -0.58 25.86
C SER B 256 -4.52 -0.38 26.53
N LEU B 257 -4.85 -1.27 27.47
CA LEU B 257 -6.11 -1.17 28.20
C LEU B 257 -6.13 0.04 29.12
N GLU B 258 -4.97 0.40 29.69
CA GLU B 258 -4.87 1.53 30.58
C GLU B 258 -4.92 2.86 29.85
N ALA B 259 -4.79 2.86 28.53
CA ALA B 259 -4.94 4.08 27.73
C ALA B 259 -6.15 3.96 26.81
N ALA B 260 -7.31 3.64 27.36
CA ALA B 260 -8.54 3.47 26.61
C ALA B 260 -9.66 4.06 27.43
N PRO B 261 -10.76 4.48 26.78
CA PRO B 261 -11.90 5.01 27.54
C PRO B 261 -12.34 4.01 28.60
N LYS B 262 -12.71 4.55 29.77
CA LYS B 262 -12.96 3.70 30.92
C LYS B 262 -14.24 2.88 30.78
N LYS B 263 -15.17 3.31 29.91
CA LYS B 263 -16.27 2.43 29.53
C LYS B 263 -15.75 1.13 28.95
N VAL B 264 -14.69 1.21 28.13
CA VAL B 264 -14.14 0.01 27.49
C VAL B 264 -13.47 -0.87 28.55
N GLN B 265 -12.74 -0.27 29.48
CA GLN B 265 -12.16 -1.06 30.56
C GLN B 265 -13.23 -1.63 31.46
N ASP B 266 -14.28 -0.86 31.72
CA ASP B 266 -15.45 -1.40 32.44
C ASP B 266 -16.06 -2.57 31.68
N LEU B 267 -16.21 -2.42 30.37
CA LEU B 267 -16.74 -3.49 29.53
C LEU B 267 -15.95 -4.77 29.70
N LEU B 268 -14.62 -4.67 29.56
CA LEU B 268 -13.77 -5.86 29.62
C LEU B 268 -13.65 -6.41 31.04
N LYS B 269 -13.72 -5.54 32.05
CA LYS B 269 -13.59 -6.01 33.42
C LYS B 269 -14.85 -6.73 33.89
N LYS B 270 -16.01 -6.38 33.34
CA LYS B 270 -17.25 -7.06 33.64
C LYS B 270 -17.47 -8.30 32.80
N ALA B 271 -16.55 -8.60 31.88
CA ALA B 271 -16.55 -9.85 31.15
C ALA B 271 -15.38 -10.74 31.53
N ASN B 272 -14.58 -10.33 32.52
CA ASN B 272 -13.42 -11.10 32.99
C ASN B 272 -12.39 -11.27 31.88
N ILE B 273 -12.38 -10.33 30.94
CA ILE B 273 -11.46 -10.36 29.81
C ILE B 273 -10.26 -9.50 30.15
N THR B 274 -9.06 -10.03 29.95
CA THR B 274 -7.83 -9.29 30.15
C THR B 274 -7.00 -9.34 28.86
N VAL B 275 -6.25 -8.26 28.62
CA VAL B 275 -5.56 -8.09 27.35
C VAL B 275 -4.07 -7.88 27.60
N LYS B 276 -3.25 -8.53 26.78
CA LYS B 276 -1.79 -8.36 26.76
C LYS B 276 -1.47 -7.17 25.86
N GLY B 277 -1.32 -5.98 26.46
CA GLY B 277 -0.97 -4.84 25.64
C GLY B 277 -2.07 -4.32 24.75
N ALA B 278 -1.85 -4.42 23.44
CA ALA B 278 -2.75 -3.81 22.47
C ALA B 278 -3.83 -4.80 22.00
N PHE B 279 -4.96 -4.26 21.59
CA PHE B 279 -6.10 -5.06 21.17
C PHE B 279 -7.00 -4.23 20.26
N GLN B 280 -7.90 -4.92 19.57
CA GLN B 280 -8.94 -4.30 18.77
C GLN B 280 -10.29 -4.51 19.42
N LEU B 281 -11.18 -3.53 19.25
CA LEU B 281 -12.53 -3.58 19.82
C LEU B 281 -13.55 -3.29 18.74
N PHE B 282 -14.24 -4.34 18.29
CA PHE B 282 -15.36 -4.19 17.37
C PHE B 282 -16.63 -3.87 18.15
N SER B 283 -17.34 -2.82 17.74
CA SER B 283 -18.55 -2.36 18.42
C SER B 283 -19.73 -2.40 17.46
N ALA B 284 -20.93 -2.30 18.01
CA ALA B 284 -22.16 -2.48 17.24
C ALA B 284 -22.87 -1.17 16.90
N ASP B 285 -22.28 -0.02 17.23
CA ASP B 285 -22.89 1.28 16.98
C ASP B 285 -24.25 1.38 17.67
N ASN B 286 -25.30 0.83 17.05
CA ASN B 286 -26.61 0.75 17.70
C ASN B 286 -26.88 -0.69 18.11
N PRO B 287 -26.85 -1.01 19.41
CA PRO B 287 -27.05 -2.42 19.81
C PRO B 287 -28.44 -2.93 19.50
N GLU B 288 -29.44 -2.05 19.47
CA GLU B 288 -30.82 -2.51 19.29
C GLU B 288 -31.05 -3.03 17.87
N GLU B 289 -30.62 -2.25 16.87
CA GLU B 289 -30.80 -2.70 15.49
C GLU B 289 -29.80 -3.79 15.11
N PHE B 290 -28.69 -3.89 15.83
CA PHE B 290 -27.82 -5.05 15.67
C PHE B 290 -28.49 -6.32 16.17
N TYR B 291 -29.25 -6.20 17.26
CA TYR B 291 -29.94 -7.35 17.84
C TYR B 291 -31.01 -7.89 16.89
N LYS B 292 -31.94 -7.03 16.46
CA LYS B 292 -33.05 -7.49 15.63
C LYS B 292 -32.62 -8.13 14.33
N GLN B 293 -31.46 -7.76 13.79
CA GLN B 293 -31.10 -8.19 12.45
C GLN B 293 -29.98 -9.23 12.42
N TYR B 294 -29.18 -9.35 13.47
CA TYR B 294 -28.14 -10.38 13.52
C TYR B 294 -28.26 -11.30 14.72
N VAL B 295 -28.66 -10.79 15.88
CA VAL B 295 -28.70 -11.62 17.08
C VAL B 295 -29.99 -12.43 17.13
N ALA B 296 -31.14 -11.76 17.11
CA ALA B 296 -32.41 -12.47 17.22
C ALA B 296 -32.69 -13.35 16.01
N THR B 297 -32.02 -13.12 14.89
CA THR B 297 -32.17 -13.94 13.69
C THR B 297 -31.07 -14.98 13.56
N GLY B 298 -30.16 -15.06 14.53
CA GLY B 298 -29.18 -16.13 14.58
C GLY B 298 -28.26 -16.24 13.39
N THR B 299 -27.82 -15.10 12.84
CA THR B 299 -26.90 -15.09 11.70
C THR B 299 -25.50 -14.71 12.21
N SER B 300 -24.60 -15.69 12.23
CA SER B 300 -23.24 -15.43 12.67
C SER B 300 -22.51 -14.53 11.67
N LEU B 301 -21.59 -13.73 12.20
CA LEU B 301 -20.75 -12.85 11.40
C LEU B 301 -19.33 -13.37 11.34
N VAL B 302 -18.60 -12.93 10.33
CA VAL B 302 -17.20 -13.30 10.13
C VAL B 302 -16.39 -12.02 9.99
N ILE B 303 -15.29 -11.94 10.72
CA ILE B 303 -14.41 -10.78 10.70
C ILE B 303 -13.05 -11.24 10.20
N THR B 304 -12.68 -10.83 8.99
CA THR B 304 -11.31 -11.01 8.52
C THR B 304 -10.45 -9.88 9.06
N ASP B 305 -9.41 -10.23 9.82
CA ASP B 305 -8.60 -9.28 10.55
C ASP B 305 -7.14 -9.50 10.17
N PRO B 306 -6.73 -9.01 9.00
CA PRO B 306 -5.38 -9.34 8.52
C PRO B 306 -4.31 -8.50 9.21
N MET B 307 -3.24 -9.17 9.59
CA MET B 307 -2.08 -8.59 10.27
C MET B 307 -0.84 -9.26 9.70
N THR B 308 0.24 -8.49 9.55
CA THR B 308 1.42 -9.01 8.85
C THR B 308 2.65 -8.92 9.75
N VAL B 309 3.61 -9.83 9.52
CA VAL B 309 4.79 -9.95 10.39
C VAL B 309 5.71 -8.76 10.16
N LYS B 310 6.09 -8.10 11.26
CA LYS B 310 7.03 -6.98 11.16
C LYS B 310 8.30 -7.39 10.43
N SER B 311 9.03 -6.38 9.95
CA SER B 311 10.29 -6.63 9.25
C SER B 311 11.30 -7.34 10.16
N GLU B 312 11.49 -6.81 11.37
CA GLU B 312 12.47 -7.34 12.31
C GLU B 312 12.28 -8.82 12.60
N PHE B 313 11.03 -9.25 12.76
CA PHE B 313 10.79 -10.63 13.20
C PHE B 313 11.36 -11.72 12.32
N GLY B 314 11.68 -11.38 11.08
CA GLY B 314 12.35 -12.39 10.24
C GLY B 314 13.79 -12.54 10.64
N LYS B 315 14.34 -11.49 11.24
CA LYS B 315 15.74 -11.49 11.64
C LYS B 315 15.98 -12.00 13.05
N THR B 316 15.01 -11.84 13.95
CA THR B 316 15.19 -12.38 15.34
C THR B 316 14.54 -13.76 15.38
N GLY B 317 13.41 -13.90 14.72
CA GLY B 317 12.66 -15.16 14.72
C GLY B 317 11.72 -15.22 15.91
N GLY B 318 11.00 -16.32 16.08
CA GLY B 318 10.12 -16.37 17.26
C GLY B 318 8.71 -16.80 16.95
N LYS B 319 7.81 -16.60 17.91
CA LYS B 319 6.39 -17.02 17.74
C LYS B 319 5.48 -15.97 18.36
N TYR B 320 4.25 -15.95 17.87
CA TYR B 320 3.24 -15.04 18.33
C TYR B 320 1.91 -15.77 18.38
N GLU B 321 1.01 -15.26 19.22
CA GLU B 321 -0.28 -15.92 19.41
C GLU B 321 -1.35 -14.85 19.34
N ASN B 322 -2.46 -15.19 18.67
CA ASN B 322 -3.63 -14.32 18.57
C ASN B 322 -4.77 -14.92 19.36
N LYS B 323 -5.50 -14.06 20.07
CA LYS B 323 -6.65 -14.50 20.86
C LYS B 323 -7.78 -13.49 20.73
N ALA B 324 -9.00 -13.99 20.61
CA ALA B 324 -10.16 -13.13 20.43
C ALA B 324 -11.24 -13.48 21.47
N TYR B 325 -12.16 -12.53 21.66
CA TYR B 325 -13.27 -12.71 22.59
C TYR B 325 -14.56 -12.21 21.96
N GLN B 326 -15.67 -12.77 22.41
CA GLN B 326 -17.00 -12.38 21.99
C GLN B 326 -17.77 -11.96 23.24
N ILE B 327 -18.46 -10.82 23.15
CA ILE B 327 -19.15 -10.23 24.30
C ILE B 327 -20.57 -9.90 23.88
N ASP B 328 -21.53 -10.74 24.30
CA ASP B 328 -22.94 -10.55 24.01
C ASP B 328 -23.69 -10.34 25.31
N PHE B 329 -24.56 -9.32 25.34
CA PHE B 329 -25.37 -8.98 26.50
C PHE B 329 -24.53 -8.69 27.75
N GLY B 330 -23.23 -8.45 27.58
CA GLY B 330 -22.33 -8.27 28.68
C GLY B 330 -21.52 -9.50 29.06
N ASN B 331 -21.87 -10.67 28.52
CA ASN B 331 -21.18 -11.91 28.85
C ASN B 331 -20.07 -12.17 27.85
N GLY B 332 -18.90 -12.55 28.36
CA GLY B 332 -17.71 -12.73 27.55
C GLY B 332 -17.40 -14.21 27.31
N TYR B 333 -17.10 -14.53 26.06
CA TYR B 333 -16.66 -15.87 25.67
C TYR B 333 -15.44 -15.74 24.79
N ALA B 334 -14.52 -16.70 24.92
CA ALA B 334 -13.18 -16.59 24.37
C ALA B 334 -12.94 -17.62 23.28
N THR B 335 -12.26 -17.20 22.22
CA THR B 335 -11.75 -18.14 21.24
C THR B 335 -10.57 -18.91 21.84
N GLU B 336 -10.26 -20.05 21.22
CA GLU B 336 -8.98 -20.69 21.47
C GLU B 336 -7.84 -19.79 20.97
N VAL B 337 -6.64 -20.09 21.43
CA VAL B 337 -5.45 -19.34 21.01
C VAL B 337 -4.85 -20.01 19.79
N VAL B 338 -4.60 -19.22 18.73
CA VAL B 338 -3.89 -19.69 17.55
C VAL B 338 -2.46 -19.18 17.61
N VAL B 339 -1.50 -20.05 17.33
CA VAL B 339 -0.08 -19.76 17.51
C VAL B 339 0.65 -19.99 16.18
N ASN B 340 1.63 -19.13 15.89
CA ASN B 340 2.42 -19.25 14.68
C ASN B 340 3.87 -18.96 15.00
N ASN B 341 4.76 -19.41 14.13
CA ASN B 341 6.20 -19.25 14.29
C ASN B 341 6.78 -18.56 13.08
N VAL B 342 7.70 -17.64 13.33
CA VAL B 342 8.46 -16.96 12.28
C VAL B 342 9.85 -17.53 12.25
N PRO B 343 10.32 -18.07 11.12
CA PRO B 343 11.66 -18.65 11.08
C PRO B 343 12.73 -17.60 10.88
N LYS B 344 13.84 -17.76 11.57
CA LYS B 344 14.98 -16.87 11.42
C LYS B 344 15.77 -17.27 10.17
N ILE B 345 15.85 -16.36 9.21
CA ILE B 345 16.58 -16.60 7.97
C ILE B 345 17.98 -16.04 8.15
N THR B 346 19.00 -16.88 7.97
CA THR B 346 20.38 -16.45 8.10
C THR B 346 21.22 -17.07 6.99
N PRO B 347 21.36 -16.38 5.87
CA PRO B 347 22.28 -16.86 4.83
C PRO B 347 23.73 -16.62 5.26
N LYS B 348 24.61 -17.47 4.75
CA LYS B 348 26.04 -17.37 5.04
C LYS B 348 26.83 -17.42 3.74
N LYS B 349 28.15 -17.29 3.86
CA LYS B 349 29.01 -17.12 2.70
C LYS B 349 30.38 -17.69 3.02
N ASP B 350 30.94 -18.45 2.08
CA ASP B 350 32.30 -18.96 2.18
C ASP B 350 33.04 -18.64 0.89
N VAL B 351 34.33 -18.96 0.87
CA VAL B 351 35.20 -18.72 -0.28
C VAL B 351 35.82 -20.04 -0.71
N THR B 352 35.04 -20.89 -1.35
CA THR B 352 35.53 -22.21 -1.77
C THR B 352 36.38 -22.10 -3.03
N VAL B 353 37.11 -23.18 -3.30
CA VAL B 353 37.92 -23.29 -4.51
C VAL B 353 37.62 -24.61 -5.22
N VAL B 367 42.67 -17.39 -3.57
CA VAL B 367 42.92 -16.20 -2.77
C VAL B 367 44.18 -15.47 -3.27
N GLN B 368 44.94 -16.13 -4.13
CA GLN B 368 46.14 -15.56 -4.72
C GLN B 368 45.82 -14.80 -6.01
N LEU B 369 46.82 -14.07 -6.50
CA LEU B 369 46.60 -13.18 -7.63
C LEU B 369 46.34 -13.99 -8.90
N TYR B 370 45.33 -13.57 -9.66
CA TYR B 370 44.91 -14.22 -10.91
C TYR B 370 44.41 -15.63 -10.69
N GLN B 371 44.16 -16.00 -9.42
CA GLN B 371 43.56 -17.27 -9.04
C GLN B 371 42.04 -17.23 -9.21
N THR B 372 41.48 -18.26 -9.85
CA THR B 372 40.03 -18.40 -9.92
C THR B 372 39.53 -19.04 -8.62
N PHE B 373 38.36 -18.59 -8.16
CA PHE B 373 37.81 -19.04 -6.89
C PHE B 373 36.30 -18.82 -6.92
N ASN B 374 35.61 -19.44 -5.98
CA ASN B 374 34.16 -19.38 -5.90
C ASN B 374 33.74 -18.68 -4.63
N TYR B 375 32.78 -17.77 -4.75
CA TYR B 375 32.01 -17.32 -3.59
C TYR B 375 30.86 -18.31 -3.40
N ARG B 376 30.83 -18.98 -2.26
CA ARG B 376 29.74 -19.90 -1.95
C ARG B 376 28.67 -19.14 -1.19
N LEU B 377 27.50 -18.98 -1.81
CA LEU B 377 26.40 -18.21 -1.24
C LEU B 377 25.29 -19.19 -0.86
N ILE B 378 25.20 -19.51 0.43
CA ILE B 378 24.15 -20.40 0.95
C ILE B 378 22.94 -19.57 1.34
N GLY B 379 21.77 -19.94 0.84
CA GLY B 379 20.57 -19.19 1.12
C GLY B 379 19.90 -19.59 2.44
N GLY B 380 18.90 -18.80 2.81
CA GLY B 380 18.19 -19.06 4.06
C GLY B 380 17.34 -20.31 3.97
N LEU B 381 17.16 -20.95 5.11
CA LEU B 381 16.39 -22.18 5.21
C LEU B 381 14.92 -21.84 5.37
N ILE B 382 14.12 -22.09 4.33
CA ILE B 382 12.68 -21.99 4.43
C ILE B 382 12.18 -23.29 5.07
N PRO B 383 11.73 -23.27 6.32
CA PRO B 383 11.46 -24.53 7.01
C PRO B 383 10.19 -25.22 6.52
N GLN B 384 10.13 -26.52 6.79
CA GLN B 384 8.95 -27.32 6.49
C GLN B 384 7.72 -26.73 7.16
N ASN B 385 6.56 -26.96 6.53
CA ASN B 385 5.25 -26.57 7.10
C ASN B 385 5.13 -25.05 7.17
N HIS B 386 5.41 -24.39 6.06
CA HIS B 386 5.23 -22.95 5.97
C HIS B 386 3.90 -22.60 5.32
N SER B 387 3.50 -21.34 5.50
CA SER B 387 2.15 -20.88 5.22
C SER B 387 1.97 -20.38 3.78
N GLU B 388 2.91 -19.56 3.32
CA GLU B 388 2.79 -18.79 2.09
C GLU B 388 3.64 -19.40 0.96
N GLU B 389 3.10 -19.33 -0.26
CA GLU B 389 3.84 -19.80 -1.42
C GLU B 389 5.08 -18.95 -1.67
N LEU B 390 6.16 -19.62 -2.08
CA LEU B 390 7.39 -18.92 -2.43
C LEU B 390 7.22 -18.15 -3.73
N GLU B 391 7.61 -16.87 -3.72
CA GLU B 391 7.50 -16.04 -4.91
C GLU B 391 8.79 -15.29 -5.25
N ASP B 392 9.86 -15.51 -4.49
CA ASP B 392 11.12 -14.78 -4.67
C ASP B 392 12.18 -15.42 -3.79
N TYR B 393 13.22 -15.97 -4.40
CA TYR B 393 14.37 -16.52 -3.69
C TYR B 393 15.59 -16.18 -4.54
N SER B 394 16.22 -15.06 -4.22
CA SER B 394 17.27 -14.48 -5.06
C SER B 394 18.53 -14.26 -4.23
N PHE B 395 19.67 -14.35 -4.91
CA PHE B 395 20.98 -14.11 -4.32
C PHE B 395 21.57 -12.84 -4.93
N VAL B 396 22.10 -11.97 -4.10
CA VAL B 396 22.59 -10.66 -4.53
C VAL B 396 23.98 -10.48 -3.97
N ASP B 397 24.98 -10.40 -4.86
CA ASP B 397 26.37 -10.26 -4.46
C ASP B 397 26.93 -8.93 -4.94
N ASP B 398 27.34 -8.09 -3.99
CA ASP B 398 27.96 -6.78 -4.28
C ASP B 398 29.46 -6.97 -4.08
N TYR B 399 30.17 -7.34 -5.14
CA TYR B 399 31.61 -7.55 -5.07
C TYR B 399 32.37 -6.27 -5.37
N ASP B 400 33.64 -6.27 -4.97
CA ASP B 400 34.56 -5.16 -5.22
C ASP B 400 35.24 -5.37 -6.57
N GLN B 401 34.86 -4.56 -7.55
CA GLN B 401 35.42 -4.71 -8.90
C GLN B 401 36.92 -4.41 -8.93
N ALA B 402 37.43 -3.63 -7.96
CA ALA B 402 38.85 -3.32 -7.94
C ALA B 402 39.70 -4.50 -7.52
N GLY B 403 39.09 -5.53 -6.91
CA GLY B 403 39.83 -6.68 -6.45
C GLY B 403 39.44 -7.97 -7.14
N ASP B 404 38.14 -8.15 -7.37
CA ASP B 404 37.62 -9.34 -8.02
C ASP B 404 36.87 -8.96 -9.29
N GLN B 405 36.79 -9.90 -10.22
CA GLN B 405 35.97 -9.73 -11.40
C GLN B 405 35.19 -11.01 -11.63
N TYR B 406 33.97 -10.84 -12.14
CA TYR B 406 32.99 -11.93 -12.21
C TYR B 406 33.17 -12.72 -13.49
N THR B 407 33.49 -14.01 -13.33
CA THR B 407 33.68 -14.89 -14.47
C THR B 407 32.46 -14.89 -15.39
N GLY B 408 31.27 -14.88 -14.79
CA GLY B 408 30.04 -15.06 -15.53
C GLY B 408 29.46 -16.45 -15.43
N ASN B 409 30.14 -17.34 -14.73
CA ASN B 409 29.66 -18.69 -14.47
C ASN B 409 29.14 -18.77 -13.04
N TYR B 410 28.11 -19.59 -12.87
CA TYR B 410 27.54 -19.84 -11.56
C TYR B 410 26.70 -21.10 -11.63
N LYS B 411 26.66 -21.82 -10.52
CA LYS B 411 25.87 -23.05 -10.41
C LYS B 411 25.10 -22.99 -9.10
N THR B 412 23.81 -23.31 -9.18
CA THR B 412 22.94 -23.30 -8.02
C THR B 412 22.49 -24.72 -7.73
N PHE B 413 22.54 -25.13 -6.47
CA PHE B 413 22.17 -26.47 -6.06
C PHE B 413 21.18 -26.38 -4.92
N SER B 414 20.25 -27.34 -4.89
CA SER B 414 19.45 -27.55 -3.70
C SER B 414 20.36 -27.97 -2.55
N SER B 415 19.99 -27.54 -1.33
CA SER B 415 20.80 -27.87 -0.16
C SER B 415 20.25 -29.05 0.63
N LEU B 416 19.05 -29.51 0.33
CA LEU B 416 18.50 -30.72 0.94
C LEU B 416 17.46 -31.29 -0.01
N ASN B 417 16.62 -32.19 0.49
CA ASN B 417 15.60 -32.85 -0.33
C ASN B 417 14.32 -32.03 -0.30
N LEU B 418 13.84 -31.66 -1.48
CA LEU B 418 12.63 -30.85 -1.65
C LEU B 418 11.55 -31.70 -2.29
N THR B 419 10.43 -31.88 -1.58
CA THR B 419 9.24 -32.45 -2.19
C THR B 419 8.37 -31.32 -2.73
N MET B 420 7.45 -31.66 -3.62
CA MET B 420 6.52 -30.65 -4.09
C MET B 420 5.27 -31.31 -4.67
N LYS B 421 4.49 -30.53 -5.43
CA LYS B 421 3.07 -30.83 -5.64
C LYS B 421 2.87 -32.09 -6.46
N ASP B 422 3.61 -32.24 -7.56
CA ASP B 422 3.48 -33.43 -8.40
C ASP B 422 3.72 -34.70 -7.59
N GLY B 423 4.74 -34.70 -6.74
CA GLY B 423 5.06 -35.86 -5.94
C GLY B 423 6.53 -36.18 -5.95
N SER B 424 7.23 -35.75 -7.00
CA SER B 424 8.66 -35.99 -7.08
C SER B 424 9.39 -35.34 -5.90
N VAL B 425 10.60 -35.83 -5.63
CA VAL B 425 11.45 -35.29 -4.59
C VAL B 425 12.79 -34.94 -5.24
N ILE B 426 13.08 -33.64 -5.32
CA ILE B 426 14.36 -33.20 -5.85
C ILE B 426 15.42 -33.41 -4.79
N LYS B 427 16.42 -34.23 -5.09
CA LYS B 427 17.35 -34.71 -4.10
C LYS B 427 18.43 -33.66 -3.81
N ALA B 428 19.05 -33.79 -2.64
CA ALA B 428 20.09 -32.86 -2.21
C ALA B 428 21.31 -32.95 -3.12
N GLY B 429 21.78 -31.79 -3.57
CA GLY B 429 22.90 -31.72 -4.49
C GLY B 429 22.51 -31.64 -5.94
N THR B 430 21.21 -31.52 -6.24
CA THR B 430 20.74 -31.45 -7.62
C THR B 430 21.07 -30.09 -8.22
N ASP B 431 21.58 -30.09 -9.45
CA ASP B 431 21.86 -28.85 -10.14
C ASP B 431 20.55 -28.21 -10.57
N LEU B 432 20.31 -26.98 -10.13
CA LEU B 432 19.07 -26.27 -10.43
C LEU B 432 19.31 -25.01 -11.26
N THR B 433 20.43 -24.94 -11.98
CA THR B 433 20.74 -23.73 -12.71
C THR B 433 19.84 -23.50 -13.91
N SER B 434 19.16 -24.56 -14.40
CA SER B 434 18.26 -24.40 -15.53
C SER B 434 16.95 -23.70 -15.19
N GLN B 435 16.75 -23.26 -13.94
CA GLN B 435 15.60 -22.47 -13.52
C GLN B 435 16.02 -21.30 -12.63
N THR B 436 17.10 -20.65 -13.01
CA THR B 436 17.60 -19.42 -12.40
C THR B 436 17.75 -18.34 -13.48
N THR B 437 18.09 -17.12 -13.06
CA THR B 437 18.18 -16.00 -13.99
C THR B 437 19.08 -14.92 -13.40
N ALA B 438 20.20 -14.67 -14.05
CA ALA B 438 21.14 -13.67 -13.54
C ALA B 438 21.03 -12.31 -14.22
N GLU B 439 21.59 -11.31 -13.55
CA GLU B 439 21.95 -10.02 -14.14
C GLU B 439 23.13 -9.46 -13.37
N THR B 440 23.86 -8.57 -14.05
CA THR B 440 25.08 -7.94 -13.58
C THR B 440 24.89 -6.44 -13.75
N ASP B 441 25.23 -5.68 -12.73
CA ASP B 441 25.17 -4.23 -12.77
C ASP B 441 26.61 -3.76 -12.71
N ALA B 442 27.16 -3.44 -13.88
CA ALA B 442 28.56 -3.05 -13.92
C ALA B 442 28.82 -1.70 -13.26
N THR B 443 27.78 -0.88 -13.07
CA THR B 443 27.95 0.40 -12.40
C THR B 443 28.41 0.23 -10.96
N ASN B 444 27.74 -0.65 -10.20
CA ASN B 444 28.06 -0.88 -8.80
C ASN B 444 28.81 -2.19 -8.56
N GLY B 445 28.84 -3.09 -9.55
CA GLY B 445 29.46 -4.38 -9.38
C GLY B 445 28.60 -5.32 -8.56
N ILE B 446 27.44 -5.69 -9.11
CA ILE B 446 26.45 -6.48 -8.40
C ILE B 446 25.88 -7.52 -9.35
N VAL B 447 26.11 -8.79 -9.07
CA VAL B 447 25.44 -9.89 -9.75
C VAL B 447 24.29 -10.38 -8.89
N THR B 448 23.14 -10.67 -9.51
CA THR B 448 21.96 -11.15 -8.82
C THR B 448 21.43 -12.38 -9.55
N VAL B 449 21.62 -13.54 -8.94
CA VAL B 449 21.01 -14.80 -9.41
C VAL B 449 19.63 -14.94 -8.78
N ARG B 450 18.60 -15.01 -9.62
CA ARG B 450 17.23 -15.16 -9.16
C ARG B 450 16.69 -16.53 -9.55
N PHE B 451 15.94 -17.14 -8.64
CA PHE B 451 15.03 -18.21 -9.00
C PHE B 451 13.82 -17.57 -9.68
N LYS B 452 13.37 -18.22 -10.75
CA LYS B 452 12.16 -17.79 -11.49
C LYS B 452 10.94 -18.13 -10.62
N GLU B 453 9.77 -17.55 -10.92
CA GLU B 453 8.64 -17.84 -10.06
C GLU B 453 8.00 -19.19 -10.37
N ASP B 454 7.92 -19.56 -11.65
CA ASP B 454 7.16 -20.74 -12.01
C ASP B 454 7.80 -22.02 -11.51
N PHE B 455 9.08 -21.98 -11.14
CA PHE B 455 9.67 -23.10 -10.42
C PHE B 455 9.41 -22.99 -8.92
N LEU B 456 9.51 -21.78 -8.37
CA LEU B 456 9.26 -21.59 -6.94
C LEU B 456 7.81 -21.92 -6.58
N GLN B 457 6.87 -21.63 -7.48
CA GLN B 457 5.45 -21.88 -7.22
C GLN B 457 5.02 -23.28 -7.60
N LYS B 458 5.98 -24.21 -7.75
CA LYS B 458 5.66 -25.61 -7.85
C LYS B 458 6.07 -26.39 -6.62
N ILE B 459 6.51 -25.70 -5.56
CA ILE B 459 7.06 -26.35 -4.38
C ILE B 459 5.99 -26.48 -3.31
N SER B 460 5.92 -27.65 -2.68
CA SER B 460 4.91 -27.89 -1.65
C SER B 460 5.14 -26.96 -0.47
N LEU B 461 4.04 -26.50 0.12
CA LEU B 461 4.13 -25.58 1.25
C LEU B 461 4.60 -26.27 2.53
N ASP B 462 4.63 -27.60 2.56
CA ASP B 462 5.11 -28.34 3.71
C ASP B 462 6.53 -28.83 3.54
N SER B 463 7.10 -28.70 2.37
CA SER B 463 8.48 -29.10 2.18
C SER B 463 9.43 -27.95 2.49
N PRO B 464 10.61 -28.25 3.01
CA PRO B 464 11.60 -27.19 3.23
C PRO B 464 12.16 -26.69 1.91
N PHE B 465 12.92 -25.60 2.00
CA PHE B 465 13.59 -25.06 0.83
C PHE B 465 14.89 -24.40 1.26
N GLN B 466 15.96 -24.72 0.56
CA GLN B 466 17.24 -24.02 0.71
C GLN B 466 18.07 -24.29 -0.54
N ALA B 467 18.84 -23.28 -0.95
CA ALA B 467 19.68 -23.41 -2.13
C ALA B 467 20.97 -22.62 -1.90
N GLU B 468 21.99 -23.01 -2.66
CA GLU B 468 23.28 -22.32 -2.62
C GLU B 468 23.72 -21.99 -4.03
N THR B 469 24.45 -20.89 -4.17
CA THR B 469 25.08 -20.51 -5.42
C THR B 469 26.57 -20.41 -5.24
N TYR B 470 27.30 -20.86 -6.25
CA TYR B 470 28.74 -20.66 -6.35
C TYR B 470 28.98 -19.67 -7.48
N LEU B 471 29.49 -18.49 -7.13
CA LEU B 471 29.85 -17.46 -8.10
C LEU B 471 31.34 -17.55 -8.40
N GLN B 472 31.69 -17.88 -9.65
CA GLN B 472 33.09 -17.96 -10.03
C GLN B 472 33.66 -16.56 -10.26
N MET B 473 34.77 -16.28 -9.58
CA MET B 473 35.46 -14.99 -9.67
C MET B 473 36.94 -15.25 -9.92
N ARG B 474 37.71 -14.17 -9.97
CA ARG B 474 39.19 -14.19 -10.15
C ARG B 474 39.76 -12.95 -9.48
N ARG B 475 40.84 -13.07 -8.74
CA ARG B 475 41.43 -11.94 -8.03
C ARG B 475 42.33 -11.19 -9.01
N ILE B 476 42.21 -9.85 -9.03
CA ILE B 476 42.95 -9.06 -10.00
C ILE B 476 43.72 -7.94 -9.30
N ALA B 477 43.89 -8.06 -7.99
CA ALA B 477 44.67 -7.10 -7.23
C ALA B 477 45.13 -7.75 -5.93
N ILE B 478 46.18 -7.17 -5.33
CA ILE B 478 46.72 -7.64 -4.06
C ILE B 478 45.99 -6.92 -2.93
N GLY B 479 45.94 -7.57 -1.78
CA GLY B 479 45.19 -7.07 -0.65
C GLY B 479 44.01 -7.97 -0.34
N THR B 480 43.13 -7.46 0.51
CA THR B 480 41.90 -8.17 0.85
C THR B 480 40.74 -7.25 0.52
N PHE B 481 39.60 -7.82 0.14
CA PHE B 481 38.52 -7.00 -0.38
C PHE B 481 37.21 -7.49 0.22
N GLU B 482 36.34 -6.55 0.59
CA GLU B 482 35.07 -6.90 1.19
C GLU B 482 34.06 -7.29 0.12
N ASN B 483 33.12 -8.15 0.53
CA ASN B 483 32.12 -8.68 -0.39
C ASN B 483 30.85 -8.95 0.39
N THR B 484 29.80 -8.19 0.12
CA THR B 484 28.53 -8.34 0.83
C THR B 484 27.56 -9.19 0.01
N TYR B 485 26.86 -10.08 0.71
CA TYR B 485 25.91 -11.00 0.09
C TYR B 485 24.56 -10.82 0.77
N VAL B 486 23.52 -10.65 -0.05
CA VAL B 486 22.17 -10.43 0.43
C VAL B 486 21.27 -11.48 -0.19
N ASN B 487 20.54 -12.19 0.65
CA ASN B 487 19.53 -13.14 0.22
C ASN B 487 18.16 -12.49 0.32
N THR B 488 17.28 -12.84 -0.61
CA THR B 488 15.96 -12.25 -0.68
C THR B 488 14.93 -13.37 -0.69
N VAL B 489 13.96 -13.29 0.22
CA VAL B 489 12.84 -14.21 0.25
C VAL B 489 11.57 -13.37 0.27
N ASN B 490 10.74 -13.53 -0.77
CA ASN B 490 9.54 -12.73 -0.97
C ASN B 490 9.80 -11.25 -0.68
N LYS B 491 10.86 -10.74 -1.30
CA LYS B 491 11.21 -9.32 -1.25
C LYS B 491 11.44 -8.84 0.19
N VAL B 492 11.99 -9.72 1.01
CA VAL B 492 12.60 -9.34 2.27
C VAL B 492 14.08 -9.65 2.15
N ALA B 493 14.94 -8.67 2.44
CA ALA B 493 16.36 -8.78 2.15
C ALA B 493 17.12 -9.10 3.42
N TYR B 494 17.84 -10.22 3.43
CA TYR B 494 18.67 -10.63 4.55
C TYR B 494 20.13 -10.51 4.16
N ALA B 495 20.87 -9.70 4.92
CA ALA B 495 22.32 -9.59 4.78
C ALA B 495 22.97 -10.88 5.28
N SER B 496 24.29 -10.83 5.48
CA SER B 496 25.04 -12.00 5.92
C SER B 496 26.31 -11.55 6.62
N ALA B 497 26.98 -12.52 7.25
CA ALA B 497 28.19 -12.25 8.01
C ALA B 497 29.18 -13.41 7.90
CA CA C . 16.93 1.96 -17.09
CA CA D . 15.06 -15.38 23.38
CA CA E . -2.01 -7.79 22.41
CA CA F . 30.55 -3.39 -5.67
#